data_3Q79
#
_entry.id   3Q79
#
_cell.length_a   141.900
_cell.length_b   141.900
_cell.length_c   130.130
_cell.angle_alpha   90.00
_cell.angle_beta   90.00
_cell.angle_gamma   90.00
#
_symmetry.space_group_name_H-M   'P 43 21 2'
#
loop_
_entity.id
_entity.type
_entity.pdbx_description
1 polymer 'Farnesyltransferase alpha subunit'
2 polymer 'Farnesyltransferase beta subunit'
3 polymer 'isoprenylated product'
4 non-polymer 'ZINC ION'
5 non-polymer FARNESYL
6 non-polymer 'SULFATE ION'
7 non-polymer '(2S)-3-(cyclohexylamino)-2-hydroxypropane-1-sulfonic acid'
8 water water
#
loop_
_entity_poly.entity_id
_entity_poly.type
_entity_poly.pdbx_seq_one_letter_code
_entity_poly.pdbx_strand_id
1 'polypeptide(L)'
;MGSSHHHHHHSQDLMVTSTYIPMSQRRSWADVKPIMQDDGPNPVVPIMYSEEYKDAMDYFRAIAAKEEKSERALELTEII
VRMNPAHYTVWQYRFSLLTSLNKSLEDELRLMNEFAVQNLKSYQVWHHRLLLLDRISPQDPVSEIEYIHGSLLPDPKNYH
TWAYLHWLYSHFSTLGRISEAQWGSELDWCNEMLRVDGRNNSAWGWRWYLRVSRPGAETSSRSLQDELIYILKSIHLIPH
NVSAWNYLRGFLKHFSLPLVPILPAILPYTASKLNPDIETVEAFGFPMPSDPLPEDTPLPVPLALEYLADSFIEQNRVDD
AAKVFEKLSSEYDQMRAGYWEFRRRECAE
;
A
2 'polypeptide(L)'
;MATEFTPSVYSLVSKPLPSNSRPSATLDEQAETEDLISQLFDLTADPNALVSEHGKRYSGLRKQEHTQFLASSFFQLPGK
FVSLDASRPWLVFWTVHSLDLLGVALDQGTKDRVVSTLLHFLSPKGGFGGGPANSQIPHLLPTYASVCSLAIAGNDSSTG
GWKDLAAARQSIYEFFMRCKRPDGGFVVCEGGEVDVRGTYCLLVVATLLDIITPELLHNVDKFVSACQTYEGGFACASFP
FPSVVPSTSAFPTSEPSCRVSMAEAHGGYTSCSLNSHFLLTSVPLPSFPLSIDANAALRWTVLQQGEPIEGGGFRGRTNK
LVDGCYSWWVGGGAPVAEELVRREKSRKVKKSRIEVFEEEKEGDWEDVPPIPPIFNRVALQEFTLVAAQQDPGSTGGLRD
KPGKRPDQYHTCNNLSGLSIAQHKMSHSPSTVSSNRLKFDASKGLPAVKPVAPGGGWKNEDERQNARREIWANALGWIEE
EGGEIIVGGKDNRINTTTPVFNILGLRLKPFINYFYCQEN
;
B
3 'polypeptide(L)' DDPTASACNIQ P
#
loop_
_chem_comp.id
_chem_comp.type
_chem_comp.name
_chem_comp.formula
3CX non-polymer '(2S)-3-(cyclohexylamino)-2-hydroxypropane-1-sulfonic acid' 'C9 H19 N O4 S'
FAR non-polymer FARNESYL 'C15 H26'
SO4 non-polymer 'SULFATE ION' 'O4 S -2'
ZN non-polymer 'ZINC ION' 'Zn 2'
#
# COMPACT_ATOMS: atom_id res chain seq x y z
N THR A 19 38.25 19.34 -3.41
CA THR A 19 38.35 18.67 -4.69
C THR A 19 38.25 17.16 -4.54
N TYR A 20 37.50 16.52 -5.42
CA TYR A 20 37.31 15.08 -5.39
C TYR A 20 38.46 14.35 -6.06
N ILE A 21 38.89 13.25 -5.45
CA ILE A 21 39.95 12.42 -6.00
C ILE A 21 39.38 11.14 -6.56
N PRO A 22 39.34 11.01 -7.90
CA PRO A 22 38.83 9.79 -8.53
C PRO A 22 39.47 8.55 -7.93
N MET A 23 38.70 7.48 -7.78
CA MET A 23 39.22 6.27 -7.16
C MET A 23 40.31 5.62 -8.02
N SER A 24 40.31 5.95 -9.31
CA SER A 24 41.32 5.45 -10.24
C SER A 24 42.71 5.96 -9.84
N GLN A 25 42.74 7.05 -9.08
CA GLN A 25 44.00 7.64 -8.66
C GLN A 25 44.32 7.29 -7.21
N ARG A 26 43.47 6.48 -6.59
CA ARG A 26 43.68 6.06 -5.21
C ARG A 26 44.56 4.81 -5.16
N ARG A 27 45.58 4.85 -4.32
CA ARG A 27 46.53 3.75 -4.21
C ARG A 27 45.84 2.47 -3.74
N SER A 28 44.88 2.62 -2.84
CA SER A 28 44.20 1.49 -2.25
C SER A 28 43.33 0.72 -3.25
N TRP A 29 43.07 1.35 -4.39
CA TRP A 29 42.16 0.77 -5.39
C TRP A 29 42.82 0.51 -6.73
N ALA A 30 44.10 0.88 -6.83
CA ALA A 30 44.85 0.74 -8.08
C ALA A 30 44.69 -0.64 -8.71
N ASP A 31 44.45 -1.65 -7.87
CA ASP A 31 44.39 -3.03 -8.32
C ASP A 31 43.01 -3.41 -8.85
N VAL A 32 42.04 -2.52 -8.68
CA VAL A 32 40.67 -2.79 -9.10
C VAL A 32 40.34 -2.16 -10.45
N LYS A 33 39.81 -2.97 -11.36
CA LYS A 33 39.34 -2.47 -12.64
C LYS A 33 37.83 -2.24 -12.57
N PRO A 34 37.41 -0.97 -12.64
CA PRO A 34 36.00 -0.60 -12.48
C PRO A 34 35.14 -1.04 -13.66
N ILE A 35 33.86 -1.28 -13.39
CA ILE A 35 32.93 -1.73 -14.41
C ILE A 35 31.81 -0.71 -14.64
N MET A 36 31.61 -0.33 -15.89
CA MET A 36 30.60 0.66 -16.23
C MET A 36 29.18 0.10 -16.13
N GLN A 37 28.23 0.97 -15.85
CA GLN A 37 26.82 0.59 -15.77
C GLN A 37 26.32 0.18 -17.15
N ASP A 38 25.57 -0.92 -17.21
CA ASP A 38 25.11 -1.44 -18.50
C ASP A 38 23.58 -1.46 -18.65
N ASP A 39 22.99 -0.31 -18.92
CA ASP A 39 21.57 -0.24 -19.21
C ASP A 39 21.31 -0.12 -20.71
N GLY A 40 22.29 -0.57 -21.50
CA GLY A 40 22.18 -0.53 -22.96
C GLY A 40 22.40 0.85 -23.53
N PRO A 41 22.01 1.04 -24.80
CA PRO A 41 22.11 2.33 -25.49
C PRO A 41 20.78 3.08 -25.41
N ASN A 42 20.85 4.42 -25.38
CA ASN A 42 19.65 5.24 -25.28
C ASN A 42 18.64 4.69 -24.28
N PRO A 43 19.07 4.49 -23.02
CA PRO A 43 18.12 3.98 -22.04
C PRO A 43 17.13 5.07 -21.65
N VAL A 44 15.92 4.67 -21.26
CA VAL A 44 14.94 5.62 -20.76
C VAL A 44 15.19 5.91 -19.30
N VAL A 45 14.49 6.91 -18.77
CA VAL A 45 14.63 7.35 -17.39
C VAL A 45 16.07 7.28 -16.86
N PRO A 46 17.03 7.84 -17.61
CA PRO A 46 18.40 7.84 -17.09
C PRO A 46 18.58 8.98 -16.10
N ILE A 47 19.48 8.80 -15.14
CA ILE A 47 19.67 9.78 -14.10
C ILE A 47 21.04 10.44 -14.23
N MET A 48 21.10 11.74 -13.97
CA MET A 48 22.36 12.48 -14.01
C MET A 48 23.13 12.33 -12.70
N TYR A 49 23.84 11.21 -12.58
CA TYR A 49 24.61 10.93 -11.38
C TYR A 49 25.70 11.97 -11.17
N SER A 50 26.10 12.16 -9.91
CA SER A 50 27.23 13.02 -9.59
C SER A 50 28.53 12.26 -9.87
N GLU A 51 29.64 12.99 -9.91
CA GLU A 51 30.93 12.36 -10.14
C GLU A 51 31.20 11.31 -9.07
N GLU A 52 30.95 11.67 -7.82
CA GLU A 52 31.16 10.76 -6.69
C GLU A 52 30.32 9.49 -6.81
N TYR A 53 29.02 9.66 -7.03
CA TYR A 53 28.10 8.53 -7.06
C TYR A 53 28.47 7.53 -8.15
N LYS A 54 28.65 8.02 -9.38
CA LYS A 54 29.00 7.17 -10.51
C LYS A 54 30.28 6.41 -10.24
N ASP A 55 31.29 7.12 -9.77
CA ASP A 55 32.60 6.52 -9.50
C ASP A 55 32.47 5.38 -8.50
N ALA A 56 31.73 5.62 -7.41
CA ALA A 56 31.55 4.62 -6.37
C ALA A 56 30.86 3.37 -6.91
N MET A 57 29.80 3.56 -7.68
CA MET A 57 29.08 2.43 -8.29
C MET A 57 29.95 1.71 -9.30
N ASP A 58 30.79 2.46 -10.01
CA ASP A 58 31.69 1.86 -10.99
C ASP A 58 32.59 0.83 -10.33
N TYR A 59 33.04 1.14 -9.12
CA TYR A 59 33.91 0.24 -8.38
C TYR A 59 33.13 -0.81 -7.59
N PHE A 60 31.93 -0.46 -7.15
CA PHE A 60 31.07 -1.45 -6.51
C PHE A 60 30.75 -2.60 -7.47
N ARG A 61 30.39 -2.27 -8.70
CA ARG A 61 30.11 -3.28 -9.73
C ARG A 61 31.26 -4.28 -9.82
N ALA A 62 32.49 -3.79 -9.70
CA ALA A 62 33.66 -4.64 -9.77
C ALA A 62 33.82 -5.45 -8.48
N ILE A 63 33.62 -4.77 -7.35
CA ILE A 63 33.68 -5.42 -6.03
C ILE A 63 32.69 -6.57 -5.92
N ALA A 64 31.43 -6.31 -6.23
CA ALA A 64 30.39 -7.31 -6.11
C ALA A 64 30.55 -8.41 -7.16
N ALA A 65 31.07 -8.04 -8.32
CA ALA A 65 31.26 -9.01 -9.40
C ALA A 65 32.27 -10.08 -9.01
N LYS A 66 33.34 -9.67 -8.33
CA LYS A 66 34.37 -10.60 -7.87
C LYS A 66 34.05 -11.12 -6.48
N GLU A 67 33.01 -10.57 -5.87
CA GLU A 67 32.54 -11.01 -4.55
C GLU A 67 33.58 -10.80 -3.46
N GLU A 68 34.30 -9.69 -3.54
CA GLU A 68 35.33 -9.37 -2.57
C GLU A 68 34.74 -8.93 -1.23
N LYS A 69 35.09 -9.64 -0.16
CA LYS A 69 34.64 -9.29 1.18
C LYS A 69 35.80 -8.65 1.94
N SER A 70 35.80 -7.32 2.00
CA SER A 70 36.92 -6.59 2.58
C SER A 70 36.46 -5.33 3.30
N GLU A 71 37.40 -4.69 4.00
CA GLU A 71 37.12 -3.44 4.69
C GLU A 71 36.85 -2.30 3.71
N ARG A 72 37.64 -2.22 2.64
CA ARG A 72 37.44 -1.17 1.65
C ARG A 72 36.09 -1.31 0.96
N ALA A 73 35.70 -2.56 0.70
CA ALA A 73 34.37 -2.84 0.16
C ALA A 73 33.31 -2.36 1.13
N LEU A 74 33.56 -2.58 2.42
CA LEU A 74 32.63 -2.15 3.46
C LEU A 74 32.52 -0.63 3.48
N GLU A 75 33.67 0.04 3.44
CA GLU A 75 33.67 1.50 3.43
C GLU A 75 32.96 2.04 2.21
N LEU A 76 33.18 1.37 1.07
CA LEU A 76 32.53 1.77 -0.17
C LEU A 76 31.00 1.71 -0.05
N THR A 77 30.50 0.69 0.63
CA THR A 77 29.05 0.55 0.79
C THR A 77 28.47 1.69 1.62
N GLU A 78 29.21 2.16 2.61
CA GLU A 78 28.76 3.28 3.43
C GLU A 78 28.73 4.56 2.59
N ILE A 79 29.73 4.73 1.74
CA ILE A 79 29.78 5.87 0.83
C ILE A 79 28.51 5.91 -0.03
N ILE A 80 28.17 4.76 -0.61
CA ILE A 80 27.05 4.68 -1.53
C ILE A 80 25.70 4.90 -0.85
N VAL A 81 25.43 4.13 0.20
CA VAL A 81 24.15 4.21 0.88
C VAL A 81 23.89 5.60 1.49
N ARG A 82 24.96 6.31 1.82
CA ARG A 82 24.81 7.68 2.33
C ARG A 82 24.27 8.60 1.24
N MET A 83 24.67 8.36 -0.01
CA MET A 83 24.16 9.14 -1.13
C MET A 83 22.77 8.67 -1.54
N ASN A 84 22.53 7.37 -1.47
CA ASN A 84 21.22 6.80 -1.77
C ASN A 84 20.82 5.75 -0.73
N PRO A 85 20.15 6.20 0.34
CA PRO A 85 19.73 5.37 1.48
C PRO A 85 18.79 4.24 1.09
N ALA A 86 18.36 4.22 -0.18
CA ALA A 86 17.36 3.26 -0.61
C ALA A 86 17.91 2.19 -1.55
N HIS A 87 19.24 2.14 -1.69
CA HIS A 87 19.88 1.19 -2.60
C HIS A 87 19.92 -0.20 -1.99
N TYR A 88 18.84 -0.97 -2.16
CA TYR A 88 18.71 -2.25 -1.49
C TYR A 88 19.84 -3.22 -1.81
N THR A 89 20.38 -3.13 -3.02
CA THR A 89 21.46 -4.01 -3.43
C THR A 89 22.71 -3.77 -2.58
N VAL A 90 23.04 -2.50 -2.38
CA VAL A 90 24.23 -2.14 -1.61
C VAL A 90 24.09 -2.52 -0.15
N TRP A 91 22.89 -2.34 0.40
CA TRP A 91 22.61 -2.71 1.78
C TRP A 91 22.78 -4.22 1.98
N GLN A 92 22.28 -5.00 1.02
CA GLN A 92 22.38 -6.45 1.09
C GLN A 92 23.85 -6.86 1.11
N TYR A 93 24.66 -6.22 0.28
CA TYR A 93 26.08 -6.54 0.22
C TYR A 93 26.79 -6.12 1.51
N ARG A 94 26.36 -5.01 2.09
CA ARG A 94 26.97 -4.52 3.32
C ARG A 94 26.82 -5.49 4.48
N PHE A 95 25.60 -5.98 4.68
CA PHE A 95 25.33 -6.90 5.79
C PHE A 95 26.11 -8.20 5.62
N SER A 96 26.26 -8.65 4.38
CA SER A 96 27.04 -9.84 4.10
C SER A 96 28.51 -9.59 4.41
N LEU A 97 28.90 -8.31 4.41
CA LEU A 97 30.25 -7.92 4.78
C LEU A 97 30.39 -7.93 6.30
N LEU A 98 29.39 -7.40 6.98
CA LEU A 98 29.36 -7.41 8.44
C LEU A 98 29.47 -8.82 8.97
N THR A 99 28.73 -9.74 8.36
CA THR A 99 28.75 -11.14 8.74
C THR A 99 30.09 -11.79 8.42
N SER A 100 30.54 -11.61 7.18
CA SER A 100 31.76 -12.23 6.70
C SER A 100 33.01 -11.77 7.46
N LEU A 101 33.14 -10.45 7.62
CA LEU A 101 34.29 -9.88 8.29
C LEU A 101 34.17 -9.97 9.81
N ASN A 102 33.03 -10.47 10.27
CA ASN A 102 32.77 -10.58 11.70
C ASN A 102 32.96 -9.22 12.40
N LYS A 103 32.38 -8.19 11.82
CA LYS A 103 32.50 -6.84 12.36
C LYS A 103 31.69 -6.69 13.63
N SER A 104 31.96 -5.63 14.37
CA SER A 104 31.20 -5.32 15.58
C SER A 104 29.81 -4.81 15.21
N LEU A 105 28.81 -5.65 15.40
CA LEU A 105 27.43 -5.30 15.09
C LEU A 105 26.93 -4.17 15.98
N GLU A 106 27.54 -4.02 17.16
CA GLU A 106 27.19 -2.92 18.07
C GLU A 106 27.62 -1.58 17.50
N ASP A 107 28.84 -1.56 16.95
CA ASP A 107 29.33 -0.36 16.27
C ASP A 107 28.41 0.02 15.12
N GLU A 108 28.06 -0.98 14.30
CA GLU A 108 27.17 -0.77 13.18
C GLU A 108 25.80 -0.28 13.64
N LEU A 109 25.38 -0.72 14.82
CA LEU A 109 24.10 -0.31 15.37
C LEU A 109 24.13 1.18 15.71
N ARG A 110 25.27 1.65 16.20
CA ARG A 110 25.44 3.06 16.52
C ARG A 110 25.53 3.91 15.26
N LEU A 111 26.00 3.32 14.17
CA LEU A 111 26.00 3.99 12.88
C LEU A 111 24.56 4.19 12.42
N MET A 112 23.75 3.15 12.63
CA MET A 112 22.35 3.17 12.23
C MET A 112 21.54 4.23 12.98
N ASN A 113 22.06 4.69 14.11
CA ASN A 113 21.40 5.74 14.87
C ASN A 113 21.58 7.10 14.21
N GLU A 114 22.66 7.24 13.44
CA GLU A 114 22.87 8.45 12.67
C GLU A 114 21.94 8.49 11.47
N PHE A 115 21.82 7.35 10.79
CA PHE A 115 20.94 7.23 9.63
C PHE A 115 19.48 7.42 10.02
N ALA A 116 19.09 6.84 11.15
CA ALA A 116 17.71 6.91 11.61
C ALA A 116 17.27 8.35 11.85
N VAL A 117 18.25 9.25 11.89
CA VAL A 117 17.98 10.66 12.14
C VAL A 117 17.37 11.36 10.93
N GLN A 118 18.02 11.23 9.77
CA GLN A 118 17.64 12.00 8.58
C GLN A 118 16.99 11.16 7.49
N ASN A 119 17.15 9.84 7.55
CA ASN A 119 16.58 8.95 6.55
C ASN A 119 15.10 8.67 6.78
N LEU A 120 14.75 8.35 8.02
CA LEU A 120 13.36 8.33 8.45
C LEU A 120 12.52 7.18 7.87
N LYS A 121 12.28 7.23 6.57
CA LYS A 121 11.32 6.34 5.92
C LYS A 121 11.94 5.41 4.89
N SER A 122 13.20 5.02 5.12
CA SER A 122 13.87 4.08 4.22
C SER A 122 13.63 2.64 4.67
N TYR A 123 13.01 1.84 3.81
CA TYR A 123 12.80 0.42 4.10
C TYR A 123 14.12 -0.28 4.39
N GLN A 124 15.16 0.10 3.66
CA GLN A 124 16.45 -0.59 3.75
C GLN A 124 17.17 -0.32 5.06
N VAL A 125 17.06 0.91 5.56
CA VAL A 125 17.64 1.25 6.85
C VAL A 125 17.00 0.41 7.97
N TRP A 126 15.68 0.42 8.00
CA TRP A 126 14.92 -0.28 9.04
C TRP A 126 15.12 -1.80 9.01
N HIS A 127 15.05 -2.40 7.84
CA HIS A 127 15.29 -3.85 7.74
C HIS A 127 16.71 -4.19 8.17
N HIS A 128 17.66 -3.31 7.85
CA HIS A 128 19.06 -3.51 8.22
C HIS A 128 19.18 -3.54 9.74
N ARG A 129 18.45 -2.65 10.40
CA ARG A 129 18.44 -2.60 11.85
C ARG A 129 17.84 -3.88 12.41
N LEU A 130 16.79 -4.37 11.75
CA LEU A 130 16.11 -5.58 12.16
C LEU A 130 17.04 -6.80 12.08
N LEU A 131 17.78 -6.90 10.98
CA LEU A 131 18.74 -7.99 10.79
C LEU A 131 19.82 -7.96 11.87
N LEU A 132 20.29 -6.77 12.19
CA LEU A 132 21.30 -6.59 13.22
C LEU A 132 20.83 -7.16 14.56
N LEU A 133 19.63 -6.76 14.98
CA LEU A 133 19.11 -7.19 16.27
C LEU A 133 18.73 -8.67 16.29
N ASP A 134 18.44 -9.22 15.12
CA ASP A 134 18.16 -10.64 15.02
C ASP A 134 19.45 -11.42 15.25
N ARG A 135 20.54 -10.93 14.65
CA ARG A 135 21.82 -11.63 14.72
C ARG A 135 22.47 -11.44 16.08
N ILE A 136 22.55 -10.19 16.53
CA ILE A 136 23.06 -9.90 17.86
C ILE A 136 22.28 -10.71 18.89
N SER A 137 20.96 -10.63 18.80
CA SER A 137 20.08 -11.41 19.68
C SER A 137 20.41 -11.18 21.14
N PRO A 138 20.29 -9.93 21.61
CA PRO A 138 20.64 -9.61 22.99
C PRO A 138 19.69 -10.28 23.98
N GLN A 139 20.19 -10.64 25.15
CA GLN A 139 19.38 -11.29 26.16
C GLN A 139 18.27 -10.38 26.66
N ASP A 140 18.53 -9.08 26.67
CA ASP A 140 17.52 -8.10 27.07
C ASP A 140 17.46 -6.93 26.08
N PRO A 141 16.35 -6.82 25.35
CA PRO A 141 16.16 -5.81 24.30
C PRO A 141 15.73 -4.45 24.84
N VAL A 142 15.80 -4.27 26.15
CA VAL A 142 15.32 -3.03 26.78
C VAL A 142 15.99 -1.77 26.23
N SER A 143 17.28 -1.86 25.93
CA SER A 143 18.01 -0.69 25.43
C SER A 143 17.52 -0.30 24.04
N GLU A 144 17.18 -1.29 23.22
CA GLU A 144 16.68 -1.04 21.88
C GLU A 144 15.25 -0.50 21.94
N ILE A 145 14.45 -1.07 22.81
CA ILE A 145 13.08 -0.61 23.02
C ILE A 145 13.06 0.87 23.37
N GLU A 146 13.93 1.27 24.30
CA GLU A 146 14.05 2.67 24.71
C GLU A 146 14.36 3.56 23.51
N TYR A 147 15.40 3.19 22.76
CA TYR A 147 15.81 3.97 21.61
C TYR A 147 14.67 4.20 20.62
N ILE A 148 13.90 3.14 20.37
CA ILE A 148 12.76 3.24 19.47
C ILE A 148 11.78 4.31 19.95
N HIS A 149 11.48 4.29 21.25
CA HIS A 149 10.60 5.28 21.85
C HIS A 149 11.12 6.69 21.56
N GLY A 150 12.39 6.93 21.86
CA GLY A 150 13.01 8.21 21.60
C GLY A 150 12.97 8.57 20.13
N SER A 151 13.12 7.55 19.30
CA SER A 151 13.09 7.71 17.85
C SER A 151 11.76 8.28 17.36
N LEU A 152 10.70 8.06 18.14
CA LEU A 152 9.35 8.42 17.72
C LEU A 152 8.97 9.86 18.02
N LEU A 153 9.83 10.59 18.73
CA LEU A 153 9.52 11.97 19.11
C LEU A 153 9.33 12.90 17.89
N PRO A 154 10.28 12.87 16.94
CA PRO A 154 10.17 13.72 15.75
C PRO A 154 9.01 13.32 14.83
N ASP A 155 8.66 12.03 14.81
CA ASP A 155 7.55 11.55 14.00
C ASP A 155 6.84 10.39 14.69
N PRO A 156 5.82 10.71 15.50
CA PRO A 156 5.10 9.74 16.34
C PRO A 156 4.26 8.75 15.52
N LYS A 157 4.18 8.94 14.21
CA LYS A 157 3.34 8.09 13.39
C LYS A 157 4.13 7.37 12.30
N ASN A 158 5.46 7.35 12.44
CA ASN A 158 6.30 6.66 11.48
C ASN A 158 5.90 5.18 11.37
N TYR A 159 5.34 4.80 10.23
CA TYR A 159 4.82 3.45 10.07
C TYR A 159 5.91 2.41 10.19
N HIS A 160 7.08 2.70 9.63
CA HIS A 160 8.23 1.79 9.71
C HIS A 160 8.57 1.49 11.16
N THR A 161 8.63 2.56 11.97
CA THR A 161 9.03 2.45 13.36
C THR A 161 8.07 1.57 14.14
N TRP A 162 6.77 1.87 14.01
CA TRP A 162 5.75 1.11 14.73
C TRP A 162 5.78 -0.37 14.37
N ALA A 163 5.89 -0.67 13.07
CA ALA A 163 5.99 -2.04 12.62
C ALA A 163 7.25 -2.72 13.19
N TYR A 164 8.31 -1.94 13.34
CA TYR A 164 9.57 -2.45 13.87
C TYR A 164 9.43 -2.79 15.36
N LEU A 165 8.77 -1.92 16.10
CA LEU A 165 8.52 -2.14 17.52
C LEU A 165 7.66 -3.38 17.71
N HIS A 166 6.69 -3.56 16.81
CA HIS A 166 5.85 -4.75 16.83
C HIS A 166 6.69 -6.00 16.65
N TRP A 167 7.63 -5.94 15.70
CA TRP A 167 8.50 -7.09 15.44
C TRP A 167 9.45 -7.37 16.61
N LEU A 168 9.99 -6.31 17.19
CA LEU A 168 10.96 -6.43 18.26
C LEU A 168 10.35 -7.18 19.45
N TYR A 169 9.17 -6.72 19.89
CA TYR A 169 8.49 -7.35 21.00
C TYR A 169 7.98 -8.76 20.67
N SER A 170 7.58 -8.97 19.43
CA SER A 170 7.06 -10.27 19.02
C SER A 170 8.18 -11.29 18.91
N HIS A 171 9.27 -10.88 18.28
CA HIS A 171 10.44 -11.74 18.11
C HIS A 171 11.01 -12.17 19.47
N PHE A 172 11.41 -11.19 20.27
CA PHE A 172 12.09 -11.46 21.54
C PHE A 172 11.20 -12.05 22.63
N SER A 173 9.88 -11.87 22.50
CA SER A 173 8.96 -12.51 23.42
C SER A 173 8.84 -13.99 23.09
N THR A 174 9.06 -14.32 21.81
CA THR A 174 9.05 -15.72 21.37
C THR A 174 10.25 -16.45 21.94
N LEU A 175 11.30 -15.69 22.24
CA LEU A 175 12.50 -16.23 22.85
C LEU A 175 12.38 -16.20 24.37
N GLY A 176 11.27 -15.63 24.85
CA GLY A 176 10.99 -15.56 26.27
C GLY A 176 11.75 -14.48 27.01
N ARG A 177 12.12 -13.41 26.32
CA ARG A 177 12.97 -12.39 26.93
C ARG A 177 12.24 -11.09 27.26
N ILE A 178 10.92 -11.11 27.11
CA ILE A 178 10.12 -9.97 27.54
C ILE A 178 9.49 -10.28 28.89
N SER A 179 9.94 -9.59 29.93
CA SER A 179 9.46 -9.82 31.28
C SER A 179 8.15 -9.09 31.53
N GLU A 180 7.44 -9.51 32.58
CA GLU A 180 6.16 -8.87 32.94
C GLU A 180 6.36 -7.40 33.29
N ALA A 181 7.52 -7.08 33.83
CA ALA A 181 7.83 -5.69 34.14
C ALA A 181 8.02 -4.91 32.85
N GLN A 182 8.57 -5.57 31.84
CA GLN A 182 8.80 -4.94 30.54
C GLN A 182 7.48 -4.59 29.87
N TRP A 183 6.59 -5.57 29.77
CA TRP A 183 5.24 -5.34 29.25
C TRP A 183 4.55 -4.20 30.00
N GLY A 184 4.62 -4.24 31.32
CA GLY A 184 3.96 -3.26 32.17
C GLY A 184 4.42 -1.83 31.92
N SER A 185 5.72 -1.65 31.71
CA SER A 185 6.24 -0.31 31.45
C SER A 185 5.85 0.12 30.04
N GLU A 186 5.77 -0.85 29.13
CA GLU A 186 5.40 -0.56 27.75
C GLU A 186 3.99 0.02 27.71
N LEU A 187 3.07 -0.61 28.42
CA LEU A 187 1.70 -0.12 28.53
C LEU A 187 1.65 1.27 29.15
N ASP A 188 2.57 1.55 30.07
CA ASP A 188 2.68 2.87 30.66
C ASP A 188 3.09 3.88 29.59
N TRP A 189 4.07 3.51 28.77
CA TRP A 189 4.56 4.37 27.71
C TRP A 189 3.48 4.63 26.67
N CYS A 190 2.75 3.57 26.32
CA CYS A 190 1.64 3.69 25.38
C CYS A 190 0.58 4.64 25.91
N ASN A 191 0.20 4.46 27.17
CA ASN A 191 -0.77 5.32 27.83
C ASN A 191 -0.33 6.79 27.78
N GLU A 192 0.97 7.01 27.91
CA GLU A 192 1.51 8.36 27.86
C GLU A 192 1.46 8.93 26.45
N MET A 193 1.65 8.07 25.45
CA MET A 193 1.55 8.49 24.06
C MET A 193 0.13 8.97 23.76
N LEU A 194 -0.86 8.23 24.24
CA LEU A 194 -2.25 8.57 23.98
C LEU A 194 -2.73 9.75 24.82
N ARG A 195 -2.01 10.04 25.91
CA ARG A 195 -2.32 11.20 26.72
C ARG A 195 -1.88 12.45 25.99
N VAL A 196 -0.72 12.37 25.34
CA VAL A 196 -0.17 13.49 24.59
C VAL A 196 -0.91 13.77 23.29
N ASP A 197 -1.37 12.70 22.64
CA ASP A 197 -2.19 12.83 21.45
C ASP A 197 -3.12 11.63 21.31
N GLY A 198 -4.35 11.81 21.77
CA GLY A 198 -5.34 10.75 21.72
C GLY A 198 -5.79 10.44 20.32
N ARG A 199 -5.37 11.27 19.37
CA ARG A 199 -5.70 11.05 17.96
C ARG A 199 -4.60 10.28 17.24
N ASN A 200 -3.59 9.83 17.99
CA ASN A 200 -2.52 9.04 17.42
C ASN A 200 -2.96 7.59 17.22
N ASN A 201 -3.45 7.30 16.02
CA ASN A 201 -4.00 5.98 15.71
C ASN A 201 -2.95 4.87 15.78
N SER A 202 -1.67 5.25 15.63
CA SER A 202 -0.58 4.30 15.74
C SER A 202 -0.48 3.79 17.17
N ALA A 203 -0.66 4.70 18.12
CA ALA A 203 -0.61 4.36 19.54
C ALA A 203 -1.78 3.46 19.93
N TRP A 204 -2.96 3.76 19.38
CA TRP A 204 -4.12 2.91 19.59
C TRP A 204 -3.85 1.50 19.11
N GLY A 205 -3.23 1.40 17.93
CA GLY A 205 -2.88 0.12 17.36
C GLY A 205 -1.93 -0.66 18.25
N TRP A 206 -0.97 0.04 18.84
CA TRP A 206 -0.02 -0.57 19.76
C TRP A 206 -0.74 -1.09 21.00
N ARG A 207 -1.66 -0.27 21.53
CA ARG A 207 -2.42 -0.68 22.71
C ARG A 207 -3.20 -1.96 22.44
N TRP A 208 -3.71 -2.09 21.23
CA TRP A 208 -4.42 -3.31 20.83
C TRP A 208 -3.50 -4.51 20.94
N TYR A 209 -2.26 -4.33 20.50
CA TYR A 209 -1.28 -5.40 20.58
C TYR A 209 -1.01 -5.78 22.03
N LEU A 210 -0.79 -4.78 22.87
CA LEU A 210 -0.47 -5.00 24.28
C LEU A 210 -1.63 -5.61 25.07
N ARG A 211 -2.85 -5.18 24.77
CA ARG A 211 -4.01 -5.56 25.56
C ARG A 211 -4.80 -6.74 24.97
N VAL A 212 -4.71 -6.92 23.66
CA VAL A 212 -5.58 -7.89 22.98
C VAL A 212 -4.85 -8.96 22.17
N SER A 213 -4.09 -8.54 21.17
CA SER A 213 -3.59 -9.47 20.16
C SER A 213 -2.39 -10.32 20.57
N ARG A 214 -1.47 -9.74 21.35
CA ARG A 214 -0.29 -10.49 21.77
C ARG A 214 -0.69 -11.78 22.49
N PRO A 215 0.05 -12.87 22.21
CA PRO A 215 -0.24 -14.20 22.75
C PRO A 215 -0.38 -14.22 24.26
N GLY A 216 0.39 -13.40 24.96
CA GLY A 216 0.40 -13.40 26.41
C GLY A 216 -0.55 -12.41 27.04
N ALA A 217 -1.47 -11.87 26.24
CA ALA A 217 -2.43 -10.89 26.72
C ALA A 217 -3.32 -11.45 27.82
N GLU A 218 -3.59 -10.63 28.84
CA GLU A 218 -4.44 -11.04 29.95
C GLU A 218 -5.90 -10.86 29.60
N THR A 219 -6.62 -11.97 29.47
CA THR A 219 -8.04 -11.92 29.12
C THR A 219 -8.91 -12.48 30.24
N SER A 220 -9.35 -11.60 31.14
CA SER A 220 -10.22 -12.01 32.24
C SER A 220 -11.50 -11.18 32.23
N SER A 221 -12.52 -11.68 32.94
CA SER A 221 -13.80 -10.99 33.01
C SER A 221 -13.68 -9.66 33.75
N ARG A 222 -12.47 -9.33 34.18
CA ARG A 222 -12.21 -8.07 34.85
C ARG A 222 -11.23 -7.23 34.06
N SER A 223 -10.45 -7.88 33.21
CA SER A 223 -9.57 -7.20 32.28
C SER A 223 -10.41 -6.45 31.26
N LEU A 224 -11.55 -7.05 30.90
CA LEU A 224 -12.50 -6.43 29.98
C LEU A 224 -13.09 -5.17 30.61
N GLN A 225 -13.42 -5.26 31.89
CA GLN A 225 -13.94 -4.11 32.64
C GLN A 225 -13.04 -2.90 32.44
N ASP A 226 -11.77 -3.05 32.81
CA ASP A 226 -10.80 -1.97 32.71
C ASP A 226 -10.73 -1.42 31.29
N GLU A 227 -10.77 -2.32 30.30
CA GLU A 227 -10.62 -1.93 28.92
C GLU A 227 -11.77 -1.04 28.43
N LEU A 228 -13.00 -1.44 28.75
CA LEU A 228 -14.17 -0.62 28.41
C LEU A 228 -14.06 0.74 29.08
N ILE A 229 -13.72 0.74 30.37
CA ILE A 229 -13.55 1.98 31.11
C ILE A 229 -12.59 2.91 30.39
N TYR A 230 -11.48 2.36 29.89
CA TYR A 230 -10.48 3.15 29.19
C TYR A 230 -11.04 3.69 27.87
N ILE A 231 -11.65 2.80 27.08
CA ILE A 231 -12.21 3.19 25.79
C ILE A 231 -13.26 4.29 25.92
N LEU A 232 -14.22 4.06 26.82
CA LEU A 232 -15.32 5.01 27.02
C LEU A 232 -14.82 6.40 27.44
N LYS A 233 -13.96 6.43 28.47
CA LYS A 233 -13.40 7.68 28.93
C LYS A 233 -12.66 8.40 27.81
N SER A 234 -12.01 7.63 26.94
CA SER A 234 -11.29 8.18 25.80
C SER A 234 -12.25 8.88 24.85
N ILE A 235 -13.39 8.25 24.62
CA ILE A 235 -14.43 8.80 23.76
C ILE A 235 -15.06 10.05 24.38
N HIS A 236 -15.29 10.03 25.69
CA HIS A 236 -15.90 11.17 26.37
C HIS A 236 -14.98 12.38 26.41
N LEU A 237 -13.69 12.13 26.41
CA LEU A 237 -12.70 13.20 26.34
C LEU A 237 -12.65 13.80 24.94
N ILE A 238 -12.80 12.94 23.93
CA ILE A 238 -12.75 13.36 22.54
C ILE A 238 -13.80 12.61 21.72
N PRO A 239 -15.06 13.05 21.79
CA PRO A 239 -16.21 12.38 21.16
C PRO A 239 -16.11 12.21 19.64
N HIS A 240 -15.35 13.06 18.97
CA HIS A 240 -15.24 12.97 17.51
C HIS A 240 -13.95 12.27 17.08
N ASN A 241 -13.37 11.49 17.98
CA ASN A 241 -12.14 10.76 17.67
C ASN A 241 -12.42 9.40 17.01
N VAL A 242 -12.18 9.34 15.71
CA VAL A 242 -12.43 8.13 14.93
C VAL A 242 -11.64 6.93 15.47
N SER A 243 -10.44 7.19 15.96
CA SER A 243 -9.60 6.13 16.52
C SER A 243 -10.29 5.40 17.67
N ALA A 244 -10.81 6.17 18.63
CA ALA A 244 -11.45 5.60 19.79
C ALA A 244 -12.68 4.78 19.41
N TRP A 245 -13.49 5.31 18.48
CA TRP A 245 -14.69 4.61 18.04
C TRP A 245 -14.37 3.27 17.37
N ASN A 246 -13.38 3.28 16.48
CA ASN A 246 -12.95 2.05 15.82
C ASN A 246 -12.47 1.01 16.83
N TYR A 247 -11.73 1.48 17.82
CA TYR A 247 -11.20 0.61 18.86
C TYR A 247 -12.36 0.00 19.65
N LEU A 248 -13.38 0.81 19.90
CA LEU A 248 -14.56 0.35 20.63
C LEU A 248 -15.31 -0.74 19.89
N ARG A 249 -15.45 -0.59 18.58
CA ARG A 249 -16.19 -1.56 17.78
C ARG A 249 -15.38 -2.83 17.59
N GLY A 250 -14.08 -2.67 17.33
CA GLY A 250 -13.20 -3.81 17.19
C GLY A 250 -13.16 -4.61 18.48
N PHE A 251 -13.25 -3.91 19.61
CA PHE A 251 -13.24 -4.54 20.92
C PHE A 251 -14.47 -5.42 21.13
N LEU A 252 -15.65 -4.84 20.99
CA LEU A 252 -16.89 -5.57 21.17
C LEU A 252 -16.98 -6.75 20.20
N LYS A 253 -16.50 -6.54 18.98
CA LYS A 253 -16.56 -7.56 17.95
C LYS A 253 -15.62 -8.71 18.26
N HIS A 254 -14.40 -8.37 18.65
CA HIS A 254 -13.39 -9.40 18.97
C HIS A 254 -13.87 -10.30 20.10
N PHE A 255 -14.38 -9.70 21.17
CA PHE A 255 -14.80 -10.46 22.34
C PHE A 255 -16.29 -10.82 22.30
N SER A 256 -16.93 -10.60 21.16
CA SER A 256 -18.33 -10.94 20.98
C SER A 256 -19.22 -10.38 22.08
N LEU A 257 -18.97 -9.11 22.45
CA LEU A 257 -19.79 -8.44 23.45
C LEU A 257 -20.97 -7.73 22.82
N PRO A 258 -22.11 -7.71 23.52
CA PRO A 258 -23.32 -7.02 23.07
C PRO A 258 -23.17 -5.51 23.16
N LEU A 259 -23.66 -4.79 22.15
CA LEU A 259 -23.57 -3.33 22.13
C LEU A 259 -24.63 -2.69 23.01
N VAL A 260 -25.76 -3.38 23.16
CA VAL A 260 -26.92 -2.83 23.86
C VAL A 260 -26.62 -2.32 25.27
N PRO A 261 -26.00 -3.15 26.12
CA PRO A 261 -25.75 -2.74 27.50
C PRO A 261 -24.96 -1.44 27.63
N ILE A 262 -24.01 -1.22 26.72
CA ILE A 262 -23.14 -0.05 26.80
C ILE A 262 -23.75 1.16 26.12
N LEU A 263 -24.95 0.98 25.58
CA LEU A 263 -25.62 2.01 24.79
C LEU A 263 -25.83 3.35 25.51
N PRO A 264 -26.21 3.31 26.80
CA PRO A 264 -26.44 4.54 27.56
C PRO A 264 -25.29 5.55 27.50
N ALA A 265 -24.07 5.08 27.27
CA ALA A 265 -22.91 5.95 27.22
C ALA A 265 -22.72 6.57 25.84
N ILE A 266 -23.36 5.97 24.84
CA ILE A 266 -23.24 6.44 23.46
C ILE A 266 -24.45 7.28 23.05
N LEU A 267 -25.61 6.93 23.58
CA LEU A 267 -26.86 7.59 23.19
C LEU A 267 -26.76 9.11 23.15
N PRO A 268 -26.19 9.73 24.20
CA PRO A 268 -26.09 11.20 24.24
C PRO A 268 -25.47 11.78 22.97
N TYR A 269 -24.62 11.02 22.29
CA TYR A 269 -23.94 11.51 21.08
C TYR A 269 -24.78 11.32 19.82
N THR A 270 -26.00 10.82 19.99
CA THR A 270 -26.89 10.59 18.87
C THR A 270 -27.97 11.68 18.77
N ALA A 271 -27.90 12.65 19.67
CA ALA A 271 -28.87 13.73 19.70
C ALA A 271 -28.85 14.54 18.40
N PHE A 286 -20.38 2.16 34.27
CA PHE A 286 -19.54 2.53 33.15
C PHE A 286 -19.59 4.03 32.88
N PRO A 287 -18.42 4.62 32.59
CA PRO A 287 -18.28 6.07 32.40
C PRO A 287 -19.35 6.67 31.48
N MET A 288 -19.77 7.90 31.78
CA MET A 288 -20.76 8.63 31.02
C MET A 288 -20.19 9.97 30.54
N PRO A 289 -20.80 10.58 29.52
CA PRO A 289 -20.27 11.85 28.98
C PRO A 289 -20.53 13.01 29.92
N SER A 290 -20.03 14.19 29.59
CA SER A 290 -20.12 15.33 30.51
C SER A 290 -21.37 16.15 30.19
N LEU A 293 -21.50 18.94 28.33
CA LEU A 293 -20.74 18.28 27.29
C LEU A 293 -19.72 19.22 26.82
N PRO A 294 -18.61 18.68 26.39
CA PRO A 294 -17.42 19.45 26.03
C PRO A 294 -17.66 20.47 24.94
N GLU A 295 -16.90 21.55 24.98
CA GLU A 295 -17.11 22.63 24.03
C GLU A 295 -16.66 22.21 22.63
N ASP A 296 -17.24 22.82 21.60
CA ASP A 296 -16.95 22.45 20.22
C ASP A 296 -17.20 20.97 19.96
N THR A 297 -18.41 20.52 20.24
CA THR A 297 -18.78 19.12 20.08
C THR A 297 -20.13 18.99 19.37
N PRO A 298 -20.14 19.25 18.06
CA PRO A 298 -21.36 19.20 17.24
C PRO A 298 -22.04 17.83 17.29
N LEU A 299 -23.37 17.83 17.37
CA LEU A 299 -24.14 16.60 17.39
C LEU A 299 -25.06 16.53 16.18
N PRO A 300 -25.35 15.31 15.70
CA PRO A 300 -24.88 14.07 16.30
C PRO A 300 -23.53 13.62 15.76
N VAL A 301 -22.86 12.72 16.48
CA VAL A 301 -21.62 12.12 16.02
C VAL A 301 -21.96 10.93 15.12
N PRO A 302 -21.53 10.98 13.86
CA PRO A 302 -21.92 9.95 12.89
C PRO A 302 -21.60 8.54 13.38
N LEU A 303 -20.44 8.35 13.98
CA LEU A 303 -20.07 7.02 14.46
C LEU A 303 -20.96 6.55 15.61
N ALA A 304 -21.50 7.50 16.37
CA ALA A 304 -22.45 7.17 17.43
C ALA A 304 -23.75 6.68 16.83
N LEU A 305 -24.09 7.21 15.65
CA LEU A 305 -25.30 6.79 14.94
C LEU A 305 -25.11 5.39 14.35
N GLU A 306 -23.90 5.12 13.87
CA GLU A 306 -23.57 3.79 13.39
C GLU A 306 -23.72 2.80 14.53
N TYR A 307 -23.24 3.18 15.70
CA TYR A 307 -23.35 2.33 16.88
C TYR A 307 -24.81 2.05 17.20
N LEU A 308 -25.62 3.12 17.21
CA LEU A 308 -27.06 2.99 17.47
C LEU A 308 -27.75 2.11 16.44
N ALA A 309 -27.40 2.30 15.17
CA ALA A 309 -27.99 1.50 14.10
C ALA A 309 -27.66 0.03 14.30
N ASP A 310 -26.38 -0.27 14.51
CA ASP A 310 -25.95 -1.64 14.73
C ASP A 310 -26.56 -2.21 16.01
N SER A 311 -26.87 -1.34 16.96
CA SER A 311 -27.57 -1.75 18.17
C SER A 311 -28.95 -2.29 17.79
N PHE A 312 -29.68 -1.52 16.98
CA PHE A 312 -31.00 -1.95 16.53
C PHE A 312 -30.91 -3.29 15.81
N ILE A 313 -29.90 -3.45 14.95
CA ILE A 313 -29.68 -4.71 14.28
C ILE A 313 -29.46 -5.83 15.29
N GLU A 314 -28.77 -5.50 16.38
CA GLU A 314 -28.53 -6.46 17.45
C GLU A 314 -29.83 -6.88 18.11
N GLN A 315 -30.82 -5.98 18.07
CA GLN A 315 -32.13 -6.25 18.65
C GLN A 315 -33.13 -6.72 17.60
N ASN A 316 -32.65 -6.90 16.37
CA ASN A 316 -33.51 -7.33 15.27
C ASN A 316 -34.53 -6.28 14.84
N ARG A 317 -34.28 -5.03 15.21
CA ARG A 317 -35.15 -3.92 14.83
C ARG A 317 -34.62 -3.29 13.54
N VAL A 318 -34.65 -4.06 12.46
CA VAL A 318 -34.11 -3.63 11.17
C VAL A 318 -34.75 -2.35 10.65
N ASP A 319 -36.02 -2.14 10.97
CA ASP A 319 -36.73 -0.94 10.53
C ASP A 319 -36.16 0.31 11.20
N ASP A 320 -35.90 0.21 12.49
CA ASP A 320 -35.34 1.33 13.24
C ASP A 320 -33.87 1.55 12.85
N ALA A 321 -33.21 0.48 12.43
CA ALA A 321 -31.82 0.58 11.97
C ALA A 321 -31.77 1.30 10.64
N ALA A 322 -32.69 0.95 9.74
CA ALA A 322 -32.75 1.57 8.42
C ALA A 322 -32.91 3.08 8.52
N LYS A 323 -33.78 3.52 9.44
CA LYS A 323 -34.08 4.94 9.59
C LYS A 323 -32.85 5.77 9.97
N VAL A 324 -31.99 5.23 10.82
CA VAL A 324 -30.78 5.93 11.22
C VAL A 324 -29.72 5.83 10.11
N PHE A 325 -29.71 4.69 9.40
CA PHE A 325 -28.85 4.53 8.24
C PHE A 325 -29.24 5.54 7.17
N GLU A 326 -30.54 5.79 7.06
CA GLU A 326 -31.07 6.71 6.07
C GLU A 326 -30.72 8.16 6.44
N LYS A 327 -30.68 8.43 7.74
CA LYS A 327 -30.31 9.76 8.22
C LYS A 327 -28.82 10.04 8.03
N LEU A 328 -28.01 8.99 8.15
CA LEU A 328 -26.58 9.09 7.87
C LEU A 328 -26.36 9.41 6.39
N SER A 329 -27.10 8.70 5.54
CA SER A 329 -26.99 8.87 4.10
C SER A 329 -27.50 10.22 3.62
N SER A 330 -28.54 10.72 4.28
CA SER A 330 -29.22 11.93 3.82
C SER A 330 -28.69 13.22 4.42
N GLU A 331 -28.31 13.18 5.69
CA GLU A 331 -27.91 14.40 6.38
C GLU A 331 -26.55 14.35 7.08
N TYR A 332 -26.40 13.41 8.01
CA TYR A 332 -25.31 13.50 8.98
C TYR A 332 -23.94 13.00 8.51
N ASP A 333 -23.91 12.28 7.40
CA ASP A 333 -22.65 11.83 6.82
C ASP A 333 -22.79 11.65 5.31
N GLN A 334 -23.05 12.75 4.62
CA GLN A 334 -23.41 12.70 3.21
C GLN A 334 -22.29 12.25 2.28
N MET A 335 -21.04 12.42 2.71
CA MET A 335 -19.92 11.96 1.90
C MET A 335 -20.08 10.48 1.60
N ARG A 336 -20.60 9.74 2.57
CA ARG A 336 -20.82 8.31 2.41
C ARG A 336 -22.29 7.98 2.17
N ALA A 337 -22.99 8.89 1.51
CA ALA A 337 -24.40 8.72 1.21
C ALA A 337 -24.68 7.35 0.61
N GLY A 338 -23.88 6.97 -0.38
CA GLY A 338 -24.05 5.70 -1.07
C GLY A 338 -23.83 4.50 -0.18
N TYR A 339 -22.82 4.56 0.67
CA TYR A 339 -22.50 3.45 1.56
C TYR A 339 -23.59 3.25 2.60
N TRP A 340 -24.08 4.35 3.18
CA TRP A 340 -25.12 4.28 4.18
C TRP A 340 -26.44 3.83 3.54
N GLU A 341 -26.60 4.15 2.26
CA GLU A 341 -27.75 3.69 1.50
C GLU A 341 -27.68 2.18 1.32
N PHE A 342 -26.48 1.68 1.12
CA PHE A 342 -26.23 0.26 1.01
C PHE A 342 -26.56 -0.45 2.33
N ARG A 343 -26.14 0.14 3.45
CA ARG A 343 -26.43 -0.41 4.76
C ARG A 343 -27.92 -0.39 5.05
N ARG A 344 -28.59 0.67 4.60
CA ARG A 344 -30.02 0.80 4.78
C ARG A 344 -30.80 -0.27 4.01
N ARG A 345 -30.28 -0.64 2.85
CA ARG A 345 -30.90 -1.70 2.04
C ARG A 345 -30.58 -3.06 2.62
N GLU A 346 -29.37 -3.19 3.18
CA GLU A 346 -28.93 -4.43 3.78
C GLU A 346 -29.91 -4.85 4.87
N CYS A 347 -30.63 -3.89 5.41
CA CYS A 347 -31.63 -4.15 6.44
C CYS A 347 -32.87 -4.83 5.84
N ALA A 348 -33.36 -4.28 4.74
CA ALA A 348 -34.54 -4.82 4.07
C ALA A 348 -34.25 -6.20 3.47
N GLU B 4 -27.80 11.58 -6.12
CA GLU B 4 -28.14 11.93 -4.74
C GLU B 4 -27.20 11.23 -3.75
N PHE B 5 -26.50 10.21 -4.24
CA PHE B 5 -25.62 9.43 -3.38
C PHE B 5 -24.14 9.74 -3.60
N THR B 6 -23.85 10.57 -4.59
CA THR B 6 -22.50 11.05 -4.83
C THR B 6 -22.48 12.56 -4.94
N PRO B 7 -22.81 13.24 -3.83
CA PRO B 7 -22.95 14.71 -3.86
C PRO B 7 -21.63 15.42 -4.11
N SER B 8 -21.70 16.52 -4.86
CA SER B 8 -20.54 17.36 -5.11
C SER B 8 -20.07 17.99 -3.80
N VAL B 9 -18.77 18.20 -3.69
CA VAL B 9 -18.21 18.88 -2.53
C VAL B 9 -18.79 20.28 -2.39
N TYR B 10 -19.04 20.92 -3.54
CA TYR B 10 -19.56 22.28 -3.56
C TYR B 10 -21.01 22.35 -3.09
N SER B 11 -21.70 21.22 -3.10
CA SER B 11 -23.10 21.18 -2.65
C SER B 11 -23.21 20.76 -1.19
N LEU B 12 -22.08 20.72 -0.49
CA LEU B 12 -22.06 20.30 0.91
C LEU B 12 -21.41 21.35 1.80
N VAL B 13 -21.89 21.44 3.03
CA VAL B 13 -21.35 22.36 4.02
C VAL B 13 -19.92 21.99 4.41
N SER B 14 -19.01 22.93 4.30
CA SER B 14 -17.63 22.71 4.71
C SER B 14 -17.41 23.13 6.15
N LYS B 15 -17.21 22.16 7.03
CA LYS B 15 -16.94 22.43 8.43
C LYS B 15 -15.75 21.63 8.95
N PRO B 16 -14.87 22.29 9.72
CA PRO B 16 -13.67 21.65 10.22
C PRO B 16 -14.01 20.44 11.07
N LEU B 17 -13.03 19.56 11.28
CA LEU B 17 -13.18 18.49 12.26
C LEU B 17 -13.22 19.12 13.64
N PRO B 18 -14.29 18.83 14.41
CA PRO B 18 -14.48 19.40 15.75
C PRO B 18 -13.34 19.04 16.70
N SER B 19 -12.92 20.00 17.51
CA SER B 19 -11.78 19.83 18.39
C SER B 19 -12.14 19.15 19.72
N ASN B 20 -13.40 19.26 20.11
CA ASN B 20 -13.85 18.73 21.40
C ASN B 20 -13.11 19.38 22.56
N SER B 21 -12.52 20.55 22.30
CA SER B 21 -11.79 21.30 23.30
C SER B 21 -10.50 20.61 23.76
N ARG B 22 -10.12 19.55 23.05
CA ARG B 22 -8.87 18.87 23.35
C ARG B 22 -7.93 18.88 22.15
N PRO B 23 -7.12 19.94 22.03
CA PRO B 23 -6.15 20.10 20.94
C PRO B 23 -5.04 19.05 21.02
N SER B 24 -4.51 18.66 19.86
CA SER B 24 -3.38 17.76 19.78
C SER B 24 -2.53 18.09 18.56
N ALA B 25 -1.41 17.42 18.41
CA ALA B 25 -0.55 17.64 17.24
C ALA B 25 -1.28 17.23 15.97
N THR B 26 -2.01 16.11 16.03
CA THR B 26 -2.81 15.65 14.91
C THR B 26 -3.77 16.74 14.44
N LEU B 27 -4.55 17.27 15.38
CA LEU B 27 -5.56 18.27 15.05
C LEU B 27 -4.95 19.55 14.47
N ASP B 28 -3.73 19.87 14.89
CA ASP B 28 -3.04 21.06 14.38
C ASP B 28 -2.77 20.92 12.89
N GLU B 29 -2.31 19.74 12.48
CA GLU B 29 -2.02 19.47 11.09
C GLU B 29 -3.30 19.36 10.27
N GLN B 30 -4.33 18.75 10.86
CA GLN B 30 -5.60 18.56 10.18
C GLN B 30 -6.22 19.90 9.80
N ALA B 31 -6.27 20.81 10.77
CA ALA B 31 -6.86 22.12 10.55
C ALA B 31 -6.08 22.88 9.49
N GLU B 32 -4.76 22.89 9.65
CA GLU B 32 -3.88 23.58 8.71
C GLU B 32 -4.09 23.06 7.29
N THR B 33 -4.24 21.75 7.15
CA THR B 33 -4.49 21.13 5.86
C THR B 33 -5.90 21.43 5.36
N GLU B 34 -6.85 21.52 6.27
CA GLU B 34 -8.23 21.89 5.93
C GLU B 34 -8.28 23.26 5.27
N ASP B 35 -7.53 24.20 5.83
CA ASP B 35 -7.47 25.55 5.30
C ASP B 35 -6.90 25.58 3.89
N LEU B 36 -5.83 24.81 3.68
CA LEU B 36 -5.18 24.74 2.38
C LEU B 36 -6.11 24.26 1.27
N ILE B 37 -6.70 23.09 1.46
CA ILE B 37 -7.61 22.52 0.49
C ILE B 37 -8.87 23.37 0.33
N SER B 38 -9.41 23.83 1.46
CA SER B 38 -10.64 24.63 1.47
C SER B 38 -10.49 25.91 0.65
N GLN B 39 -9.34 26.55 0.77
CA GLN B 39 -9.11 27.81 0.07
C GLN B 39 -8.92 27.59 -1.43
N LEU B 40 -8.25 26.51 -1.79
CA LEU B 40 -8.02 26.18 -3.19
C LEU B 40 -9.35 25.92 -3.90
N PHE B 41 -10.27 25.26 -3.20
CA PHE B 41 -11.60 25.01 -3.75
C PHE B 41 -12.38 26.30 -3.95
N ASP B 42 -12.18 27.25 -3.04
CA ASP B 42 -12.84 28.56 -3.13
C ASP B 42 -12.34 29.34 -4.34
N LEU B 43 -11.05 29.25 -4.61
CA LEU B 43 -10.45 29.90 -5.76
C LEU B 43 -10.90 29.27 -7.07
N THR B 44 -11.38 28.03 -6.99
CA THR B 44 -11.67 27.24 -8.19
C THR B 44 -13.17 27.14 -8.48
N ALA B 45 -13.52 27.26 -9.75
CA ALA B 45 -14.91 27.15 -10.17
C ALA B 45 -15.41 25.72 -9.99
N ASP B 46 -16.69 25.59 -9.61
CA ASP B 46 -17.30 24.27 -9.46
C ASP B 46 -17.39 23.55 -10.80
N PRO B 47 -16.69 22.42 -10.92
CA PRO B 47 -16.59 21.63 -12.15
C PRO B 47 -17.95 21.22 -12.72
N ASN B 48 -18.99 21.23 -11.88
CA ASN B 48 -20.30 20.78 -12.30
C ASN B 48 -21.21 21.90 -12.81
N ALA B 49 -20.76 23.14 -12.66
CA ALA B 49 -21.59 24.29 -13.01
C ALA B 49 -21.37 24.77 -14.45
N LEU B 50 -22.14 25.79 -14.85
CA LEU B 50 -22.05 26.35 -16.18
C LEU B 50 -21.89 27.86 -16.13
N GLU B 53 -18.39 33.14 -11.13
CA GLU B 53 -17.42 32.21 -11.69
C GLU B 53 -16.31 32.94 -12.43
N HIS B 54 -16.55 34.20 -12.77
CA HIS B 54 -15.55 35.02 -13.44
C HIS B 54 -14.36 35.26 -12.52
N GLY B 55 -13.17 35.05 -13.04
CA GLY B 55 -11.96 35.26 -12.27
C GLY B 55 -11.50 34.01 -11.53
N LYS B 56 -12.39 33.02 -11.47
CA LYS B 56 -12.07 31.76 -10.79
C LYS B 56 -11.35 30.78 -11.70
N ARG B 57 -10.45 29.99 -11.12
CA ARG B 57 -9.63 29.04 -11.86
C ARG B 57 -10.49 27.92 -12.47
N TYR B 58 -10.10 27.48 -13.67
CA TYR B 58 -10.79 26.37 -14.32
C TYR B 58 -10.16 25.04 -13.94
N SER B 59 -10.99 24.11 -13.44
CA SER B 59 -10.49 22.86 -12.88
C SER B 59 -10.28 21.76 -13.90
N GLY B 60 -10.52 22.06 -15.18
CA GLY B 60 -10.39 21.07 -16.23
C GLY B 60 -9.07 20.32 -16.18
N LEU B 61 -9.09 19.05 -16.54
CA LEU B 61 -7.89 18.22 -16.52
C LEU B 61 -6.88 18.72 -17.55
N ARG B 62 -5.79 19.30 -17.07
CA ARG B 62 -4.77 19.87 -17.94
C ARG B 62 -3.85 18.78 -18.49
N LYS B 63 -4.38 17.98 -19.40
CA LYS B 63 -3.72 16.77 -19.88
C LYS B 63 -2.38 17.03 -20.57
N GLN B 64 -2.30 18.12 -21.32
CA GLN B 64 -1.10 18.41 -22.07
C GLN B 64 0.05 18.84 -21.16
N GLU B 65 -0.28 19.53 -20.08
CA GLU B 65 0.72 19.90 -19.08
C GLU B 65 1.31 18.64 -18.43
N HIS B 66 0.43 17.71 -18.07
CA HIS B 66 0.86 16.47 -17.41
C HIS B 66 1.72 15.61 -18.34
N THR B 67 1.37 15.58 -19.62
CA THR B 67 2.16 14.86 -20.61
C THR B 67 3.58 15.41 -20.67
N GLN B 68 3.69 16.73 -20.65
CA GLN B 68 4.99 17.40 -20.73
C GLN B 68 5.80 17.19 -19.45
N PHE B 69 5.12 17.18 -18.32
CA PHE B 69 5.74 16.86 -17.04
C PHE B 69 6.40 15.50 -17.11
N LEU B 70 5.76 14.58 -17.84
CA LEU B 70 6.23 13.21 -17.95
C LEU B 70 7.33 13.06 -19.00
N ALA B 71 7.36 13.97 -19.96
CA ALA B 71 8.36 13.90 -21.02
C ALA B 71 9.77 13.87 -20.45
N SER B 72 9.96 14.53 -19.32
CA SER B 72 11.26 14.57 -18.66
C SER B 72 11.65 13.21 -18.09
N PHE B 74 12.06 10.33 -20.55
CA PHE B 74 12.49 9.90 -21.87
C PHE B 74 13.70 10.68 -22.38
N PHE B 75 14.25 11.55 -21.53
CA PHE B 75 15.43 12.31 -21.87
C PHE B 75 16.50 12.07 -20.82
N GLN B 76 16.33 12.71 -19.67
CA GLN B 76 17.25 12.56 -18.56
C GLN B 76 16.62 13.17 -17.32
N LEU B 77 16.95 12.59 -16.16
CA LEU B 77 16.44 13.11 -14.90
C LEU B 77 17.55 13.85 -14.15
N PRO B 78 17.18 14.94 -13.46
CA PRO B 78 18.09 15.69 -12.58
C PRO B 78 18.78 14.76 -11.59
N GLY B 79 19.96 15.16 -11.11
CA GLY B 79 20.74 14.34 -10.21
C GLY B 79 20.00 13.94 -8.93
N LYS B 80 19.07 14.77 -8.50
CA LYS B 80 18.33 14.51 -7.27
C LYS B 80 17.47 13.25 -7.36
N PHE B 81 17.43 12.64 -8.54
CA PHE B 81 16.66 11.42 -8.73
C PHE B 81 17.47 10.18 -8.35
N VAL B 82 18.67 10.39 -7.85
CA VAL B 82 19.53 9.29 -7.42
C VAL B 82 18.86 8.52 -6.28
N SER B 83 17.97 9.20 -5.57
CA SER B 83 17.25 8.59 -4.46
C SER B 83 16.28 7.52 -4.94
N LEU B 84 16.15 7.43 -6.26
CA LEU B 84 15.28 6.43 -6.87
C LEU B 84 16.06 5.65 -7.93
N ASP B 85 17.37 5.63 -7.78
CA ASP B 85 18.23 4.90 -8.70
C ASP B 85 17.92 3.40 -8.61
N ALA B 86 17.31 3.00 -7.50
CA ALA B 86 16.97 1.60 -7.29
C ALA B 86 15.51 1.33 -7.64
N SER B 87 14.83 2.34 -8.19
CA SER B 87 13.42 2.22 -8.52
C SER B 87 13.11 2.72 -9.94
N ARG B 88 14.07 2.59 -10.84
CA ARG B 88 13.89 3.07 -12.21
C ARG B 88 12.73 2.42 -12.95
N PRO B 89 12.48 1.11 -12.70
CA PRO B 89 11.32 0.47 -13.31
C PRO B 89 10.00 1.11 -12.86
N TRP B 90 10.00 1.71 -11.66
CA TRP B 90 8.82 2.44 -11.20
C TRP B 90 8.68 3.76 -11.94
N LEU B 91 9.81 4.41 -12.19
CA LEU B 91 9.81 5.65 -12.96
C LEU B 91 9.30 5.37 -14.36
N VAL B 92 9.62 4.19 -14.89
CA VAL B 92 9.12 3.78 -16.18
C VAL B 92 7.62 3.50 -16.14
N PHE B 93 7.19 2.76 -15.11
CA PHE B 93 5.78 2.39 -14.99
C PHE B 93 4.88 3.60 -14.78
N TRP B 94 5.28 4.47 -13.87
CA TRP B 94 4.52 5.67 -13.57
C TRP B 94 4.32 6.50 -14.83
N THR B 95 5.32 6.52 -15.69
CA THR B 95 5.26 7.29 -16.93
C THR B 95 4.40 6.62 -18.01
N VAL B 96 4.74 5.39 -18.38
CA VAL B 96 4.04 4.71 -19.46
C VAL B 96 2.59 4.39 -19.12
N HIS B 97 2.29 4.23 -17.83
CA HIS B 97 0.92 3.98 -17.43
C HIS B 97 0.10 5.27 -17.41
N SER B 98 0.70 6.35 -16.91
CA SER B 98 0.04 7.65 -16.91
C SER B 98 -0.28 8.08 -18.33
N LEU B 99 0.69 7.92 -19.23
CA LEU B 99 0.51 8.25 -20.64
C LEU B 99 -0.60 7.41 -21.27
N ASP B 100 -0.73 6.17 -20.83
CA ASP B 100 -1.82 5.30 -21.28
C ASP B 100 -3.17 5.85 -20.82
N LEU B 101 -3.22 6.29 -19.57
CA LEU B 101 -4.45 6.84 -19.02
C LEU B 101 -4.81 8.16 -19.68
N LEU B 102 -3.80 8.95 -20.02
CA LEU B 102 -4.01 10.26 -20.64
C LEU B 102 -4.28 10.14 -22.14
N GLY B 103 -4.25 8.92 -22.66
CA GLY B 103 -4.56 8.67 -24.06
C GLY B 103 -3.49 9.17 -25.02
N VAL B 104 -2.25 9.23 -24.55
CA VAL B 104 -1.13 9.66 -25.37
C VAL B 104 -0.25 8.48 -25.74
N ALA B 105 -0.06 8.27 -27.04
CA ALA B 105 0.69 7.11 -27.53
C ALA B 105 2.18 7.40 -27.66
N LEU B 106 3.00 6.37 -27.46
CA LEU B 106 4.42 6.45 -27.72
C LEU B 106 4.68 5.88 -29.12
N ASP B 107 5.59 6.48 -29.85
CA ASP B 107 5.96 5.93 -31.15
C ASP B 107 6.77 4.65 -30.96
N GLN B 108 6.80 3.80 -31.97
CA GLN B 108 7.43 2.50 -31.87
C GLN B 108 8.88 2.59 -31.43
N GLY B 109 9.59 3.58 -31.94
CA GLY B 109 10.99 3.78 -31.59
C GLY B 109 11.18 3.97 -30.10
N THR B 110 10.36 4.83 -29.51
CA THR B 110 10.45 5.12 -28.08
C THR B 110 10.09 3.88 -27.26
N LYS B 111 9.08 3.13 -27.70
CA LYS B 111 8.70 1.90 -27.03
C LYS B 111 9.86 0.93 -26.98
N ASP B 112 10.53 0.76 -28.12
CA ASP B 112 11.66 -0.16 -28.20
C ASP B 112 12.71 0.18 -27.15
N ARG B 113 12.96 1.48 -26.96
CA ARG B 113 13.90 1.93 -25.94
C ARG B 113 13.45 1.46 -24.57
N VAL B 114 12.17 1.64 -24.27
CA VAL B 114 11.60 1.19 -23.01
C VAL B 114 11.85 -0.30 -22.79
N VAL B 115 11.51 -1.10 -23.80
CA VAL B 115 11.69 -2.55 -23.74
C VAL B 115 13.15 -2.93 -23.53
N SER B 116 14.05 -2.34 -24.32
CA SER B 116 15.47 -2.61 -24.21
C SER B 116 16.01 -2.27 -22.82
N THR B 117 15.61 -1.12 -22.31
CA THR B 117 16.06 -0.66 -21.01
C THR B 117 15.69 -1.68 -19.92
N LEU B 118 14.41 -2.02 -19.86
CA LEU B 118 13.92 -2.96 -18.86
C LEU B 118 14.59 -4.33 -18.96
N LEU B 119 14.77 -4.82 -20.19
CA LEU B 119 15.38 -6.13 -20.38
C LEU B 119 16.82 -6.17 -19.86
N HIS B 120 17.45 -5.01 -19.82
CA HIS B 120 18.79 -4.89 -19.24
C HIS B 120 18.74 -4.99 -17.71
N PHE B 121 17.53 -4.89 -17.15
CA PHE B 121 17.34 -5.02 -15.71
C PHE B 121 17.01 -6.47 -15.34
N LEU B 122 16.97 -7.34 -16.33
CA LEU B 122 16.59 -8.73 -16.13
C LEU B 122 17.80 -9.62 -15.87
N SER B 123 17.82 -10.28 -14.72
CA SER B 123 18.89 -11.22 -14.38
C SER B 123 18.56 -12.60 -14.92
N PRO B 124 19.55 -13.26 -15.55
CA PRO B 124 19.40 -14.64 -16.02
C PRO B 124 18.97 -15.59 -14.91
N LYS B 125 19.42 -15.33 -13.68
CA LYS B 125 19.03 -16.16 -12.54
C LYS B 125 17.54 -16.01 -12.21
N GLY B 126 16.92 -14.96 -12.74
CA GLY B 126 15.50 -14.75 -12.58
C GLY B 126 15.17 -13.44 -11.88
N GLY B 127 14.21 -12.71 -12.42
CA GLY B 127 13.72 -11.49 -11.81
C GLY B 127 14.35 -10.21 -12.33
N PHE B 128 13.64 -9.09 -12.15
CA PHE B 128 14.13 -7.78 -12.53
C PHE B 128 14.66 -7.05 -11.30
N GLY B 129 15.69 -6.24 -11.49
CA GLY B 129 16.17 -5.37 -10.42
C GLY B 129 15.73 -3.94 -10.63
N GLY B 130 16.10 -3.05 -9.71
CA GLY B 130 15.73 -1.66 -9.82
C GLY B 130 16.63 -0.91 -10.78
N GLY B 131 17.53 -1.65 -11.43
CA GLY B 131 18.45 -1.08 -12.40
C GLY B 131 19.09 -2.18 -13.22
N PRO B 132 20.18 -1.85 -13.93
CA PRO B 132 20.92 -2.83 -14.74
C PRO B 132 21.37 -4.04 -13.92
N ALA B 133 21.18 -5.23 -14.47
CA ALA B 133 21.47 -6.48 -13.77
C ALA B 133 22.91 -6.57 -13.23
N ASN B 134 23.83 -5.84 -13.85
CA ASN B 134 25.23 -5.85 -13.41
C ASN B 134 25.49 -4.92 -12.24
N SER B 135 24.41 -4.39 -11.67
CA SER B 135 24.51 -3.42 -10.57
C SER B 135 23.53 -3.71 -9.44
N GLN B 136 22.38 -4.27 -9.78
CA GLN B 136 21.33 -4.48 -8.79
C GLN B 136 20.77 -5.89 -8.87
N ILE B 137 20.42 -6.45 -7.71
CA ILE B 137 19.86 -7.80 -7.64
C ILE B 137 18.36 -7.76 -7.84
N PRO B 138 17.78 -8.89 -8.28
CA PRO B 138 16.32 -8.94 -8.50
C PRO B 138 15.54 -8.53 -7.26
N HIS B 139 14.33 -8.02 -7.48
CA HIS B 139 13.49 -7.54 -6.40
C HIS B 139 12.03 -7.62 -6.87
N LEU B 140 11.15 -8.08 -6.00
CA LEU B 140 9.75 -8.31 -6.36
C LEU B 140 9.05 -7.06 -6.88
N LEU B 141 9.44 -5.90 -6.35
CA LEU B 141 8.78 -4.66 -6.75
C LEU B 141 9.18 -4.19 -8.15
N PRO B 142 10.49 -4.01 -8.40
CA PRO B 142 10.91 -3.71 -9.76
C PRO B 142 10.43 -4.76 -10.75
N THR B 143 10.31 -6.01 -10.29
CA THR B 143 9.82 -7.10 -11.14
C THR B 143 8.39 -6.85 -11.59
N TYR B 144 7.53 -6.47 -10.65
CA TYR B 144 6.15 -6.09 -10.98
C TYR B 144 6.12 -4.88 -11.91
N ALA B 145 6.84 -3.83 -11.54
CA ALA B 145 6.87 -2.60 -12.32
C ALA B 145 7.39 -2.83 -13.74
N SER B 146 8.37 -3.73 -13.87
CA SER B 146 8.95 -4.04 -15.17
C SER B 146 8.01 -4.88 -16.03
N VAL B 147 7.43 -5.92 -15.45
CA VAL B 147 6.50 -6.78 -16.17
C VAL B 147 5.31 -5.96 -16.66
N CYS B 148 4.77 -5.12 -15.78
CA CYS B 148 3.64 -4.27 -16.13
C CYS B 148 4.00 -3.28 -17.24
N SER B 149 5.19 -2.70 -17.15
CA SER B 149 5.67 -1.75 -18.14
C SER B 149 5.86 -2.41 -19.51
N LEU B 150 6.30 -3.67 -19.50
CA LEU B 150 6.46 -4.42 -20.74
C LEU B 150 5.10 -4.76 -21.36
N ALA B 151 4.08 -4.87 -20.52
CA ALA B 151 2.72 -5.11 -21.01
C ALA B 151 2.20 -3.87 -21.72
N ILE B 152 2.66 -2.70 -21.27
CA ILE B 152 2.20 -1.43 -21.81
C ILE B 152 2.98 -0.98 -23.05
N ALA B 153 4.30 -1.20 -23.04
CA ALA B 153 5.15 -0.66 -24.10
C ALA B 153 5.71 -1.72 -25.05
N GLY B 154 5.46 -2.99 -24.76
CA GLY B 154 6.02 -4.07 -25.55
C GLY B 154 5.05 -4.71 -26.52
N ASN B 155 5.49 -5.80 -27.14
CA ASN B 155 4.68 -6.54 -28.10
C ASN B 155 5.25 -7.94 -28.34
N ASP B 156 4.68 -8.66 -29.31
CA ASP B 156 5.06 -10.06 -29.53
C ASP B 156 6.03 -10.28 -30.69
N SER B 157 6.73 -9.23 -31.10
CA SER B 157 7.75 -9.37 -32.14
C SER B 157 9.06 -9.80 -31.50
N SER B 158 10.08 -10.01 -32.32
CA SER B 158 11.38 -10.45 -31.82
C SER B 158 12.05 -9.36 -30.96
N THR B 159 11.50 -8.16 -30.99
CA THR B 159 12.04 -7.05 -30.23
C THR B 159 11.00 -6.46 -29.27
N GLY B 160 9.94 -7.22 -29.03
CA GLY B 160 8.82 -6.76 -28.24
C GLY B 160 8.96 -6.95 -26.75
N GLY B 161 9.84 -7.85 -26.33
CA GLY B 161 10.07 -8.09 -24.92
C GLY B 161 9.30 -9.27 -24.35
N TRP B 162 8.09 -9.47 -24.82
CA TRP B 162 7.24 -10.56 -24.33
C TRP B 162 7.90 -11.92 -24.55
N LYS B 163 8.60 -12.06 -25.67
CA LYS B 163 9.33 -13.28 -25.99
C LYS B 163 10.37 -13.57 -24.91
N ASP B 164 11.08 -12.52 -24.48
CA ASP B 164 12.10 -12.67 -23.46
C ASP B 164 11.53 -13.06 -22.11
N LEU B 165 10.38 -12.49 -21.76
CA LEU B 165 9.71 -12.86 -20.52
C LEU B 165 9.37 -14.36 -20.52
N ALA B 166 8.77 -14.82 -21.62
CA ALA B 166 8.37 -16.20 -21.73
C ALA B 166 9.54 -17.16 -21.50
N ALA B 167 10.71 -16.78 -21.96
CA ALA B 167 11.90 -17.61 -21.80
C ALA B 167 12.43 -17.56 -20.37
N ALA B 168 12.13 -16.47 -19.68
CA ALA B 168 12.63 -16.26 -18.32
C ALA B 168 11.67 -16.81 -17.27
N ARG B 169 10.59 -17.44 -17.74
CA ARG B 169 9.54 -17.91 -16.84
C ARG B 169 10.03 -18.86 -15.74
N GLN B 170 10.87 -19.82 -16.11
CA GLN B 170 11.39 -20.78 -15.15
C GLN B 170 12.29 -20.09 -14.13
N SER B 171 13.12 -19.17 -14.61
CA SER B 171 14.05 -18.46 -13.74
C SER B 171 13.31 -17.53 -12.78
N ILE B 172 12.34 -16.78 -13.31
CA ILE B 172 11.53 -15.90 -12.47
C ILE B 172 10.82 -16.71 -11.38
N TYR B 173 10.34 -17.89 -11.74
CA TYR B 173 9.69 -18.78 -10.79
C TYR B 173 10.66 -19.21 -9.69
N GLU B 174 11.85 -19.62 -10.11
CA GLU B 174 12.87 -20.07 -9.17
C GLU B 174 13.31 -18.94 -8.26
N PHE B 175 13.28 -17.72 -8.78
CA PHE B 175 13.55 -16.54 -7.96
C PHE B 175 12.45 -16.39 -6.92
N PHE B 176 11.19 -16.52 -7.37
CA PHE B 176 10.06 -16.42 -6.46
C PHE B 176 10.17 -17.41 -5.31
N MET B 177 10.60 -18.63 -5.61
CA MET B 177 10.73 -19.67 -4.59
C MET B 177 11.83 -19.37 -3.57
N ARG B 178 12.91 -18.76 -4.01
CA ARG B 178 13.99 -18.37 -3.10
C ARG B 178 13.51 -17.29 -2.15
N CYS B 179 12.50 -16.53 -2.57
CA CYS B 179 11.94 -15.47 -1.74
C CYS B 179 10.95 -16.00 -0.70
N LYS B 180 10.48 -17.23 -0.90
CA LYS B 180 9.39 -17.75 -0.08
C LYS B 180 9.80 -18.16 1.32
N ARG B 181 9.09 -17.62 2.31
CA ARG B 181 9.26 -18.04 3.69
C ARG B 181 8.18 -19.06 4.02
N PRO B 182 8.45 -19.93 5.00
CA PRO B 182 7.52 -20.99 5.42
C PRO B 182 6.16 -20.47 5.89
N ASP B 183 6.14 -19.29 6.52
CA ASP B 183 4.90 -18.75 7.09
C ASP B 183 3.92 -18.25 6.03
N GLY B 184 4.38 -18.17 4.78
CA GLY B 184 3.54 -17.71 3.69
C GLY B 184 3.90 -16.31 3.22
N GLY B 185 4.94 -15.75 3.80
CA GLY B 185 5.41 -14.44 3.38
C GLY B 185 6.56 -14.57 2.40
N PHE B 186 6.93 -13.45 1.78
CA PHE B 186 8.05 -13.43 0.84
C PHE B 186 9.01 -12.30 1.19
N VAL B 187 10.31 -12.53 1.02
CA VAL B 187 11.28 -11.45 1.09
C VAL B 187 11.29 -10.72 -0.25
N VAL B 188 11.33 -9.38 -0.23
CA VAL B 188 11.29 -8.61 -1.47
C VAL B 188 12.54 -8.86 -2.31
N CYS B 189 13.58 -9.32 -1.65
CA CYS B 189 14.81 -9.73 -2.33
C CYS B 189 15.64 -10.55 -1.35
N GLU B 190 16.78 -11.04 -1.79
CA GLU B 190 17.67 -11.76 -0.91
C GLU B 190 17.98 -10.89 0.30
N GLY B 191 17.74 -11.43 1.49
CA GLY B 191 17.97 -10.70 2.72
C GLY B 191 17.06 -9.50 2.92
N GLY B 192 15.97 -9.45 2.16
CA GLY B 192 15.09 -8.30 2.16
C GLY B 192 13.91 -8.42 3.11
N GLU B 193 13.15 -7.33 3.24
CA GLU B 193 12.03 -7.29 4.18
C GLU B 193 10.82 -8.08 3.67
N VAL B 194 9.89 -8.34 4.57
CA VAL B 194 8.73 -9.18 4.29
C VAL B 194 7.42 -8.46 4.57
N ASP B 195 6.60 -8.32 3.54
CA ASP B 195 5.27 -7.72 3.70
C ASP B 195 4.41 -7.89 2.45
N VAL B 196 3.14 -7.54 2.57
CA VAL B 196 2.17 -7.77 1.51
C VAL B 196 2.52 -7.09 0.17
N ARG B 197 3.39 -6.09 0.20
CA ARG B 197 3.86 -5.50 -1.05
C ARG B 197 4.48 -6.58 -1.93
N GLY B 198 5.35 -7.40 -1.33
CA GLY B 198 6.01 -8.47 -2.04
C GLY B 198 5.02 -9.52 -2.51
N THR B 199 4.08 -9.87 -1.65
CA THR B 199 3.04 -10.83 -1.98
C THR B 199 2.24 -10.36 -3.18
N TYR B 200 1.81 -9.10 -3.13
CA TYR B 200 1.03 -8.52 -4.21
C TYR B 200 1.80 -8.57 -5.53
N CYS B 201 3.01 -8.03 -5.53
CA CYS B 201 3.79 -7.94 -6.75
C CYS B 201 4.09 -9.31 -7.33
N LEU B 202 4.30 -10.28 -6.46
CA LEU B 202 4.63 -11.64 -6.88
C LEU B 202 3.41 -12.33 -7.50
N LEU B 203 2.27 -12.24 -6.83
CA LEU B 203 1.04 -12.86 -7.30
C LEU B 203 0.59 -12.28 -8.65
N VAL B 204 0.75 -10.97 -8.82
CA VAL B 204 0.40 -10.33 -10.07
C VAL B 204 1.21 -10.91 -11.23
N VAL B 205 2.52 -11.03 -11.03
CA VAL B 205 3.39 -11.54 -12.09
C VAL B 205 3.20 -13.02 -12.35
N ALA B 206 3.00 -13.79 -11.27
CA ALA B 206 2.79 -15.23 -11.40
C ALA B 206 1.49 -15.52 -12.15
N THR B 207 0.47 -14.71 -11.88
CA THR B 207 -0.81 -14.84 -12.57
C THR B 207 -0.67 -14.54 -14.06
N LEU B 208 0.00 -13.44 -14.38
CA LEU B 208 0.15 -13.00 -15.76
C LEU B 208 1.03 -13.94 -16.59
N LEU B 209 2.08 -14.49 -15.98
CA LEU B 209 3.06 -15.28 -16.71
C LEU B 209 2.80 -16.78 -16.64
N ASP B 210 1.70 -17.17 -16.01
CA ASP B 210 1.35 -18.59 -15.87
C ASP B 210 2.45 -19.40 -15.20
N ILE B 211 2.86 -19.00 -14.00
CA ILE B 211 3.86 -19.74 -13.25
C ILE B 211 3.42 -19.96 -11.81
N ILE B 212 2.12 -20.15 -11.61
CA ILE B 212 1.56 -20.41 -10.30
C ILE B 212 1.51 -21.90 -9.99
N THR B 213 2.02 -22.28 -8.82
CA THR B 213 1.99 -23.67 -8.37
C THR B 213 1.52 -23.75 -6.92
N PRO B 214 1.06 -24.94 -6.50
CA PRO B 214 0.67 -25.14 -5.10
C PRO B 214 1.80 -24.78 -4.12
N GLU B 215 3.02 -25.23 -4.38
CA GLU B 215 4.12 -24.97 -3.46
C GLU B 215 4.42 -23.47 -3.37
N LEU B 216 4.04 -22.73 -4.40
CA LEU B 216 4.23 -21.28 -4.41
C LEU B 216 3.26 -20.60 -3.45
N LEU B 217 2.07 -21.18 -3.30
CA LEU B 217 0.98 -20.52 -2.60
C LEU B 217 0.78 -20.94 -1.14
N HIS B 218 1.48 -21.98 -0.72
CA HIS B 218 1.30 -22.51 0.63
C HIS B 218 1.45 -21.42 1.69
N ASN B 219 0.44 -21.29 2.55
CA ASN B 219 0.42 -20.29 3.63
C ASN B 219 0.35 -18.83 3.18
N VAL B 220 0.56 -18.58 1.89
CA VAL B 220 0.47 -17.23 1.37
C VAL B 220 -0.85 -16.57 1.75
N ASP B 221 -1.93 -17.35 1.70
CA ASP B 221 -3.25 -16.86 2.07
C ASP B 221 -3.36 -16.54 3.56
N LYS B 222 -2.83 -17.41 4.40
CA LYS B 222 -2.87 -17.22 5.85
C LYS B 222 -2.10 -15.96 6.27
N PHE B 223 -0.98 -15.73 5.62
CA PHE B 223 -0.17 -14.55 5.90
C PHE B 223 -0.95 -13.26 5.66
N VAL B 224 -1.80 -13.25 4.64
CA VAL B 224 -2.58 -12.07 4.29
C VAL B 224 -3.80 -11.86 5.19
N SER B 225 -4.56 -12.92 5.43
CA SER B 225 -5.71 -12.84 6.33
C SER B 225 -5.30 -12.28 7.68
N ALA B 226 -4.18 -12.76 8.20
CA ALA B 226 -3.70 -12.35 9.52
C ALA B 226 -3.25 -10.89 9.56
N CYS B 227 -3.17 -10.27 8.39
CA CYS B 227 -2.78 -8.86 8.32
C CYS B 227 -3.93 -7.92 8.66
N GLN B 228 -5.16 -8.42 8.58
CA GLN B 228 -6.33 -7.59 8.82
C GLN B 228 -6.42 -7.23 10.31
N THR B 229 -6.65 -5.95 10.58
CA THR B 229 -6.70 -5.46 11.95
C THR B 229 -8.13 -5.24 12.44
N TYR B 230 -8.27 -4.66 13.63
CA TYR B 230 -9.60 -4.43 14.22
C TYR B 230 -10.33 -3.32 13.49
N GLU B 231 -9.57 -2.43 12.85
CA GLU B 231 -10.17 -1.33 12.09
C GLU B 231 -10.85 -1.82 10.82
N GLY B 232 -10.40 -2.95 10.29
CA GLY B 232 -11.01 -3.52 9.10
C GLY B 232 -10.07 -3.54 7.90
N GLY B 233 -9.12 -2.62 7.88
CA GLY B 233 -8.09 -2.59 6.84
C GLY B 233 -6.98 -3.58 7.14
N PHE B 234 -5.91 -3.53 6.35
CA PHE B 234 -4.82 -4.49 6.49
C PHE B 234 -3.49 -3.83 6.79
N ALA B 235 -2.70 -4.48 7.65
CA ALA B 235 -1.37 -4.00 8.00
C ALA B 235 -0.34 -4.56 7.02
N CYS B 236 0.89 -4.06 7.12
CA CYS B 236 1.97 -4.45 6.23
C CYS B 236 2.28 -5.95 6.29
N ALA B 237 2.23 -6.52 7.49
CA ALA B 237 2.56 -7.93 7.65
C ALA B 237 1.95 -8.54 8.90
N SER B 238 2.08 -9.86 9.03
CA SER B 238 1.60 -10.57 10.19
C SER B 238 2.74 -11.41 10.77
N PHE B 239 2.79 -11.53 12.10
CA PHE B 239 3.85 -12.29 12.76
C PHE B 239 3.33 -13.65 13.22
N PRO B 240 4.06 -14.71 12.87
CA PRO B 240 3.70 -16.08 13.22
C PRO B 240 4.39 -16.54 14.50
N PHE B 241 3.62 -16.67 15.59
CA PHE B 241 4.17 -17.21 16.84
C PHE B 241 4.22 -18.73 16.78
N PRO B 242 5.44 -19.26 16.84
CA PRO B 242 5.64 -20.70 16.73
C PRO B 242 4.88 -21.49 17.80
N GLU B 255 0.95 -24.37 11.05
CA GLU B 255 2.08 -24.61 11.94
C GLU B 255 2.12 -23.63 13.12
N PRO B 256 2.11 -22.31 12.81
CA PRO B 256 2.16 -21.31 13.88
C PRO B 256 0.98 -21.43 14.83
N SER B 257 1.19 -21.12 16.10
CA SER B 257 0.12 -21.13 17.08
C SER B 257 -0.95 -20.11 16.67
N CYS B 258 -0.50 -18.90 16.36
CA CYS B 258 -1.40 -17.83 15.94
C CYS B 258 -0.62 -16.78 15.16
N ARG B 259 -1.31 -16.02 14.33
CA ARG B 259 -0.69 -14.97 13.55
C ARG B 259 -1.28 -13.62 13.95
N VAL B 260 -0.40 -12.65 14.19
CA VAL B 260 -0.82 -11.33 14.65
C VAL B 260 -0.42 -10.22 13.67
N SER B 261 -1.31 -9.27 13.45
CA SER B 261 -1.00 -8.13 12.60
C SER B 261 0.04 -7.23 13.28
N MET B 262 0.91 -6.60 12.48
CA MET B 262 2.08 -5.93 13.03
C MET B 262 2.03 -4.39 12.96
N ALA B 263 0.92 -3.83 12.51
CA ALA B 263 0.80 -2.37 12.44
C ALA B 263 -0.61 -1.91 12.08
N GLU B 264 -0.77 -0.61 11.87
CA GLU B 264 -2.05 -0.02 11.52
C GLU B 264 -2.59 -0.53 10.19
N ALA B 265 -3.91 -0.51 10.05
CA ALA B 265 -4.53 -0.70 8.75
C ALA B 265 -4.05 0.46 7.89
N HIS B 266 -3.50 0.13 6.72
CA HIS B 266 -2.84 1.12 5.87
C HIS B 266 -3.37 1.06 4.44
N GLY B 267 -3.57 2.23 3.82
CA GLY B 267 -4.12 2.31 2.48
C GLY B 267 -3.38 1.49 1.45
N GLY B 268 -2.06 1.61 1.44
CA GLY B 268 -1.24 0.86 0.49
C GLY B 268 -1.25 -0.63 0.76
N TYR B 269 -1.03 -1.00 2.02
CA TYR B 269 -0.99 -2.39 2.40
C TYR B 269 -2.36 -3.05 2.31
N THR B 270 -3.41 -2.26 2.49
CA THR B 270 -4.78 -2.75 2.33
C THR B 270 -5.07 -3.04 0.86
N SER B 271 -4.54 -2.20 -0.01
CA SER B 271 -4.65 -2.43 -1.45
C SER B 271 -3.93 -3.72 -1.84
N CYS B 272 -2.70 -3.87 -1.37
CA CYS B 272 -1.92 -5.07 -1.63
C CYS B 272 -2.58 -6.32 -1.06
N SER B 273 -3.18 -6.20 0.12
CA SER B 273 -3.83 -7.33 0.77
C SER B 273 -5.09 -7.74 0.03
N LEU B 274 -5.96 -6.77 -0.25
CA LEU B 274 -7.21 -7.04 -0.96
C LEU B 274 -6.92 -7.63 -2.34
N ASN B 275 -5.98 -7.02 -3.06
CA ASN B 275 -5.62 -7.48 -4.39
C ASN B 275 -5.02 -8.88 -4.38
N SER B 276 -4.13 -9.13 -3.42
CA SER B 276 -3.52 -10.45 -3.26
C SER B 276 -4.60 -11.50 -2.99
N HIS B 277 -5.42 -11.25 -1.98
CA HIS B 277 -6.44 -12.20 -1.61
C HIS B 277 -7.36 -12.48 -2.79
N PHE B 278 -7.70 -11.43 -3.53
CA PHE B 278 -8.60 -11.59 -4.68
C PHE B 278 -7.98 -12.51 -5.72
N LEU B 279 -6.70 -12.30 -6.01
CA LEU B 279 -5.99 -13.12 -6.97
C LEU B 279 -5.99 -14.60 -6.54
N LEU B 280 -5.94 -14.82 -5.24
CA LEU B 280 -5.91 -16.19 -4.71
C LEU B 280 -7.27 -16.89 -4.80
N THR B 281 -8.36 -16.13 -4.75
CA THR B 281 -9.69 -16.72 -4.74
C THR B 281 -10.01 -17.54 -5.99
N SER B 282 -9.26 -17.31 -7.07
CA SER B 282 -9.49 -18.03 -8.31
C SER B 282 -8.57 -19.24 -8.46
N VAL B 283 -7.83 -19.56 -7.40
CA VAL B 283 -6.94 -20.72 -7.41
C VAL B 283 -7.69 -21.97 -6.92
N PRO B 284 -7.69 -23.03 -7.74
CA PRO B 284 -8.42 -24.26 -7.46
C PRO B 284 -7.77 -25.12 -6.38
N LEU B 285 -7.53 -24.55 -5.21
CA LEU B 285 -7.03 -25.32 -4.08
C LEU B 285 -8.14 -25.49 -3.04
N PRO B 286 -8.08 -26.56 -2.25
CA PRO B 286 -9.15 -26.85 -1.28
C PRO B 286 -9.01 -26.05 0.01
N SER B 287 -10.10 -25.46 0.47
CA SER B 287 -10.09 -24.61 1.66
C SER B 287 -9.09 -23.47 1.48
N PHE B 288 -9.00 -22.97 0.25
CA PHE B 288 -8.05 -21.93 -0.09
C PHE B 288 -8.76 -20.88 -0.95
N PRO B 289 -8.54 -19.60 -0.64
CA PRO B 289 -7.67 -19.12 0.43
C PRO B 289 -8.45 -18.83 1.72
N LEU B 290 -7.76 -18.77 2.85
CA LEU B 290 -8.39 -18.43 4.11
C LEU B 290 -9.14 -17.10 3.95
N SER B 291 -10.39 -17.07 4.40
CA SER B 291 -11.24 -15.91 4.19
C SER B 291 -10.75 -14.67 4.94
N ILE B 292 -11.20 -13.51 4.49
CA ILE B 292 -10.98 -12.27 5.21
C ILE B 292 -12.35 -11.72 5.62
N ASP B 293 -12.37 -10.62 6.37
CA ASP B 293 -13.63 -9.98 6.71
C ASP B 293 -13.95 -8.91 5.67
N ALA B 294 -14.59 -9.34 4.59
CA ALA B 294 -14.89 -8.44 3.47
C ALA B 294 -15.66 -7.19 3.91
N ASN B 295 -16.67 -7.39 4.74
CA ASN B 295 -17.49 -6.25 5.19
C ASN B 295 -16.71 -5.24 6.03
N ALA B 296 -15.70 -5.72 6.76
CA ALA B 296 -14.87 -4.83 7.57
C ALA B 296 -13.87 -4.09 6.68
N ALA B 297 -13.43 -4.73 5.61
CA ALA B 297 -12.52 -4.11 4.66
C ALA B 297 -13.23 -2.99 3.91
N LEU B 298 -14.46 -3.27 3.48
CA LEU B 298 -15.27 -2.28 2.79
C LEU B 298 -15.51 -1.08 3.69
N ARG B 299 -15.85 -1.35 4.94
CA ARG B 299 -16.15 -0.29 5.91
C ARG B 299 -14.95 0.61 6.13
N TRP B 300 -13.79 0.01 6.35
CA TRP B 300 -12.58 0.79 6.55
C TRP B 300 -12.27 1.63 5.31
N THR B 301 -12.47 1.03 4.15
CA THR B 301 -12.22 1.69 2.88
C THR B 301 -13.03 2.99 2.75
N VAL B 302 -14.34 2.90 2.91
CA VAL B 302 -15.21 4.06 2.73
C VAL B 302 -15.01 5.11 3.84
N LEU B 303 -14.56 4.67 5.01
CA LEU B 303 -14.34 5.58 6.12
C LEU B 303 -13.09 6.46 5.91
N GLN B 304 -12.26 6.09 4.95
CA GLN B 304 -11.02 6.82 4.68
C GLN B 304 -11.19 7.98 3.69
N GLN B 305 -12.40 8.16 3.16
CA GLN B 305 -12.64 9.30 2.28
C GLN B 305 -12.87 10.58 3.09
N GLY B 306 -12.12 11.63 2.76
CA GLY B 306 -12.18 12.87 3.50
C GLY B 306 -13.52 13.60 3.43
N GLU B 307 -13.67 14.57 4.31
CA GLU B 307 -14.89 15.39 4.37
C GLU B 307 -14.87 16.43 3.27
N PRO B 308 -16.03 17.07 3.02
CA PRO B 308 -16.13 18.14 2.01
C PRO B 308 -15.03 19.19 2.17
N ILE B 309 -14.76 19.61 3.40
CA ILE B 309 -13.76 20.65 3.64
C ILE B 309 -12.36 20.21 3.18
N GLU B 310 -12.13 18.90 3.14
CA GLU B 310 -10.84 18.39 2.69
C GLU B 310 -10.91 17.76 1.29
N GLY B 311 -11.82 18.29 0.47
CA GLY B 311 -11.85 17.95 -0.95
C GLY B 311 -12.34 16.56 -1.28
N GLY B 312 -12.78 15.82 -0.27
CA GLY B 312 -13.27 14.47 -0.48
C GLY B 312 -12.23 13.55 -1.07
N GLY B 313 -10.96 13.81 -0.79
CA GLY B 313 -9.89 12.92 -1.16
C GLY B 313 -9.69 11.84 -0.11
N PHE B 314 -8.96 10.78 -0.46
CA PHE B 314 -8.74 9.67 0.46
C PHE B 314 -7.51 9.88 1.34
N ARG B 315 -7.60 9.42 2.58
CA ARG B 315 -6.44 9.35 3.46
C ARG B 315 -6.04 7.88 3.61
N GLY B 316 -4.82 7.64 4.05
CA GLY B 316 -4.30 6.28 4.12
C GLY B 316 -4.41 5.63 5.48
N ARG B 317 -4.57 6.46 6.52
CA ARG B 317 -4.68 5.95 7.88
C ARG B 317 -5.61 6.83 8.70
N THR B 318 -6.28 6.23 9.68
CA THR B 318 -7.14 6.97 10.58
C THR B 318 -6.38 8.14 11.21
N ASN B 319 -7.03 9.29 11.27
CA ASN B 319 -6.46 10.49 11.91
C ASN B 319 -5.15 11.00 11.28
N LYS B 320 -4.93 10.66 10.01
CA LYS B 320 -3.85 11.28 9.25
C LYS B 320 -4.41 12.04 8.05
N LEU B 321 -3.54 12.72 7.32
CA LEU B 321 -3.96 13.62 6.25
C LEU B 321 -4.29 12.92 4.94
N VAL B 322 -5.26 13.49 4.21
CA VAL B 322 -5.57 13.02 2.86
C VAL B 322 -4.35 13.17 1.96
N ASP B 323 -4.23 12.26 0.99
CA ASP B 323 -3.09 12.23 0.07
C ASP B 323 -3.61 11.73 -1.28
N GLY B 324 -3.28 12.46 -2.34
CA GLY B 324 -3.74 12.12 -3.67
C GLY B 324 -3.40 10.70 -4.09
N CYS B 325 -2.24 10.21 -3.65
CA CYS B 325 -1.79 8.88 -4.06
C CYS B 325 -2.71 7.77 -3.52
N TYR B 326 -3.45 8.07 -2.46
CA TYR B 326 -4.35 7.09 -1.87
C TYR B 326 -5.65 6.92 -2.66
N SER B 327 -5.87 7.82 -3.62
CA SER B 327 -7.01 7.68 -4.53
C SER B 327 -6.97 6.30 -5.19
N TRP B 328 -5.76 5.84 -5.51
CA TRP B 328 -5.59 4.50 -6.05
C TRP B 328 -5.54 3.41 -4.95
N TRP B 329 -4.65 3.57 -3.98
CA TRP B 329 -4.47 2.54 -2.95
C TRP B 329 -5.78 2.23 -2.21
N VAL B 330 -6.53 3.27 -1.87
CA VAL B 330 -7.78 3.09 -1.14
C VAL B 330 -8.97 3.03 -2.09
N GLY B 331 -9.08 4.02 -2.97
CA GLY B 331 -10.18 4.08 -3.91
C GLY B 331 -10.20 2.89 -4.87
N GLY B 332 -9.02 2.47 -5.29
CA GLY B 332 -8.88 1.36 -6.23
C GLY B 332 -9.18 0.01 -5.62
N GLY B 333 -9.18 -0.05 -4.30
CA GLY B 333 -9.48 -1.28 -3.58
C GLY B 333 -10.97 -1.45 -3.35
N ALA B 334 -11.72 -0.37 -3.49
CA ALA B 334 -13.16 -0.37 -3.26
C ALA B 334 -13.93 -1.43 -4.04
N PRO B 335 -13.71 -1.54 -5.37
CA PRO B 335 -14.46 -2.53 -6.12
C PRO B 335 -14.01 -3.97 -5.85
N VAL B 336 -12.80 -4.14 -5.35
CA VAL B 336 -12.32 -5.47 -4.97
C VAL B 336 -13.01 -5.89 -3.68
N ALA B 337 -13.10 -4.95 -2.73
CA ALA B 337 -13.77 -5.21 -1.47
C ALA B 337 -15.27 -5.36 -1.70
N GLU B 338 -15.82 -4.52 -2.58
CA GLU B 338 -17.24 -4.56 -2.91
C GLU B 338 -17.63 -5.92 -3.52
N GLU B 339 -16.78 -6.44 -4.40
CA GLU B 339 -17.01 -7.74 -5.00
C GLU B 339 -16.96 -8.86 -3.95
N LEU B 340 -15.98 -8.77 -3.06
CA LEU B 340 -15.84 -9.78 -2.00
C LEU B 340 -17.05 -9.76 -1.08
N VAL B 341 -17.60 -8.57 -0.84
CA VAL B 341 -18.82 -8.44 -0.06
C VAL B 341 -20.00 -9.07 -0.80
N ARG B 342 -20.06 -8.84 -2.11
CA ARG B 342 -21.13 -9.42 -2.94
C ARG B 342 -21.13 -10.94 -2.82
N ARG B 343 -19.96 -11.54 -3.05
CA ARG B 343 -19.80 -12.98 -2.95
C ARG B 343 -20.18 -13.48 -1.56
N GLU B 344 -19.89 -12.66 -0.54
CA GLU B 344 -20.19 -13.00 0.83
C GLU B 344 -21.69 -13.19 1.04
N LYS B 345 -22.48 -12.30 0.43
CA LYS B 345 -23.93 -12.33 0.59
C LYS B 345 -24.54 -13.48 -0.20
N SER B 346 -23.93 -13.82 -1.34
CA SER B 346 -24.39 -14.94 -2.14
C SER B 346 -24.06 -16.27 -1.47
N ARG B 347 -23.08 -16.25 -0.57
CA ARG B 347 -22.68 -17.45 0.15
C ARG B 347 -23.79 -17.92 1.10
N LYS B 348 -24.46 -16.97 1.74
CA LYS B 348 -25.55 -17.29 2.67
C LYS B 348 -26.84 -17.56 1.91
N VAL B 349 -27.20 -16.63 1.03
CA VAL B 349 -28.42 -16.75 0.24
C VAL B 349 -28.28 -17.82 -0.85
N ILE B 371 -28.32 -0.73 -7.40
CA ILE B 371 -27.30 -0.51 -6.39
C ILE B 371 -26.57 0.81 -6.62
N PRO B 372 -26.42 1.62 -5.56
CA PRO B 372 -25.72 2.90 -5.64
C PRO B 372 -24.22 2.72 -5.42
N PRO B 373 -23.43 3.77 -5.67
CA PRO B 373 -21.97 3.63 -5.53
C PRO B 373 -21.56 3.55 -4.06
N ILE B 374 -20.42 2.90 -3.81
CA ILE B 374 -20.00 2.61 -2.44
C ILE B 374 -19.17 3.73 -1.82
N PHE B 375 -18.56 4.56 -2.67
CA PHE B 375 -17.85 5.75 -2.20
C PHE B 375 -18.22 6.93 -3.09
N ASN B 376 -17.90 8.15 -2.65
CA ASN B 376 -18.28 9.33 -3.41
C ASN B 376 -17.45 9.52 -4.67
N ARG B 377 -17.91 8.88 -5.75
CA ARG B 377 -17.21 8.92 -7.03
C ARG B 377 -17.09 10.35 -7.59
N VAL B 378 -17.99 11.22 -7.18
CA VAL B 378 -17.98 12.60 -7.65
C VAL B 378 -16.94 13.42 -6.90
N ALA B 379 -16.97 13.35 -5.58
CA ALA B 379 -16.04 14.10 -4.74
C ALA B 379 -14.59 13.76 -5.05
N LEU B 380 -14.31 12.48 -5.27
CA LEU B 380 -12.95 12.04 -5.54
C LEU B 380 -12.40 12.71 -6.80
N GLN B 381 -13.21 12.73 -7.87
CA GLN B 381 -12.79 13.38 -9.11
C GLN B 381 -12.53 14.86 -8.87
N GLU B 382 -13.39 15.48 -8.06
CA GLU B 382 -13.25 16.89 -7.75
C GLU B 382 -11.93 17.17 -7.04
N PHE B 383 -11.56 16.28 -6.12
CA PHE B 383 -10.30 16.43 -5.41
C PHE B 383 -9.14 16.37 -6.40
N THR B 384 -9.22 15.44 -7.33
CA THR B 384 -8.19 15.29 -8.34
C THR B 384 -8.07 16.56 -9.19
N LEU B 385 -9.20 16.99 -9.76
CA LEU B 385 -9.21 18.14 -10.67
C LEU B 385 -8.77 19.43 -10.00
N VAL B 386 -9.31 19.67 -8.80
CA VAL B 386 -9.12 20.94 -8.11
C VAL B 386 -7.85 21.00 -7.25
N ALA B 387 -7.65 19.99 -6.42
CA ALA B 387 -6.58 20.02 -5.42
C ALA B 387 -5.31 19.29 -5.84
N ALA B 388 -5.48 18.17 -6.55
CA ALA B 388 -4.36 17.27 -6.86
C ALA B 388 -3.53 17.69 -8.07
N GLN B 389 -4.11 18.52 -8.93
CA GLN B 389 -3.38 19.00 -10.10
C GLN B 389 -2.43 20.13 -9.72
N GLN B 390 -1.29 20.19 -10.39
CA GLN B 390 -0.37 21.31 -10.24
C GLN B 390 -1.07 22.59 -10.66
N ASP B 391 -0.69 23.71 -10.05
CA ASP B 391 -1.22 25.01 -10.45
C ASP B 391 -1.06 25.16 -11.96
N PRO B 392 -2.08 25.69 -12.63
CA PRO B 392 -2.06 25.76 -14.09
C PRO B 392 -0.95 26.65 -14.63
N GLY B 393 -0.43 26.29 -15.81
CA GLY B 393 0.58 27.09 -16.49
C GLY B 393 1.97 26.96 -15.89
N SER B 394 2.24 25.84 -15.24
CA SER B 394 3.52 25.61 -14.59
C SER B 394 4.23 24.35 -15.10
N THR B 395 4.66 23.50 -14.18
CA THR B 395 5.43 22.30 -14.52
C THR B 395 4.56 21.13 -14.95
N GLY B 396 3.28 21.20 -14.58
CA GLY B 396 2.38 20.08 -14.82
C GLY B 396 2.55 19.00 -13.76
N GLY B 397 1.77 17.93 -13.90
CA GLY B 397 1.84 16.81 -12.97
C GLY B 397 0.84 16.93 -11.83
N LEU B 398 0.54 15.81 -11.20
CA LEU B 398 -0.35 15.80 -10.05
C LEU B 398 0.44 15.53 -8.77
N ARG B 399 -0.17 15.80 -7.62
CA ARG B 399 0.57 15.87 -6.37
C ARG B 399 -0.16 15.26 -5.18
N ASP B 400 0.59 15.07 -4.09
CA ASP B 400 0.04 14.64 -2.81
C ASP B 400 -1.15 15.51 -2.44
N LYS B 401 -0.86 16.78 -2.15
CA LYS B 401 -1.89 17.74 -1.80
C LYS B 401 -1.38 19.14 -2.14
N PRO B 402 -2.25 20.15 -2.01
CA PRO B 402 -1.72 21.52 -2.20
C PRO B 402 -0.56 21.76 -1.24
N GLY B 403 0.49 22.41 -1.71
CA GLY B 403 1.66 22.67 -0.89
C GLY B 403 2.79 21.67 -1.11
N LYS B 404 2.55 20.69 -1.98
CA LYS B 404 3.58 19.70 -2.28
C LYS B 404 3.93 19.72 -3.77
N ARG B 405 5.18 19.41 -4.08
CA ARG B 405 5.63 19.33 -5.47
C ARG B 405 5.04 18.10 -6.14
N PRO B 406 4.65 18.22 -7.41
CA PRO B 406 4.17 17.06 -8.16
C PRO B 406 5.31 16.07 -8.40
N ASP B 407 4.98 14.81 -8.60
CA ASP B 407 5.99 13.81 -8.98
C ASP B 407 5.36 12.69 -9.80
N GLN B 408 6.18 11.87 -10.43
CA GLN B 408 5.70 10.77 -11.26
C GLN B 408 4.73 9.90 -10.48
N TYR B 409 5.13 9.50 -9.28
CA TYR B 409 4.36 8.59 -8.46
C TYR B 409 2.93 9.08 -8.21
N HIS B 410 2.80 10.32 -7.73
CA HIS B 410 1.49 10.88 -7.45
C HIS B 410 0.72 11.18 -8.73
N THR B 411 1.45 11.47 -9.80
CA THR B 411 0.83 11.66 -11.10
C THR B 411 0.12 10.38 -11.51
N CYS B 412 0.82 9.25 -11.37
CA CYS B 412 0.29 7.94 -11.76
C CYS B 412 -0.89 7.51 -10.88
N ASN B 413 -0.73 7.66 -9.57
CA ASN B 413 -1.76 7.20 -8.63
C ASN B 413 -2.99 8.10 -8.57
N ASN B 414 -2.79 9.41 -8.75
CA ASN B 414 -3.93 10.31 -8.83
C ASN B 414 -4.82 9.95 -10.02
N LEU B 415 -4.19 9.67 -11.17
CA LEU B 415 -4.92 9.34 -12.38
C LEU B 415 -5.50 7.92 -12.33
N SER B 416 -4.81 7.02 -11.66
CA SER B 416 -5.32 5.66 -11.49
C SER B 416 -6.61 5.68 -10.68
N GLY B 417 -6.61 6.43 -9.59
CA GLY B 417 -7.82 6.61 -8.79
C GLY B 417 -8.92 7.30 -9.59
N LEU B 418 -8.56 8.33 -10.33
CA LEU B 418 -9.53 9.07 -11.14
C LEU B 418 -10.25 8.12 -12.07
N SER B 419 -9.50 7.20 -12.65
CA SER B 419 -10.07 6.19 -13.54
C SER B 419 -11.14 5.38 -12.82
N ILE B 420 -10.77 4.80 -11.67
CA ILE B 420 -11.69 3.99 -10.87
C ILE B 420 -12.97 4.75 -10.53
N ALA B 421 -12.84 6.05 -10.25
CA ALA B 421 -13.99 6.89 -9.92
C ALA B 421 -14.85 7.23 -11.14
N GLN B 422 -14.21 7.52 -12.27
CA GLN B 422 -14.94 7.85 -13.49
C GLN B 422 -15.68 6.64 -14.07
N HIS B 423 -15.09 5.47 -13.93
CA HIS B 423 -15.64 4.26 -14.55
C HIS B 423 -16.04 3.22 -13.52
N LYS B 424 -17.30 2.81 -13.56
CA LYS B 424 -17.83 1.79 -12.67
C LYS B 424 -17.25 0.42 -13.03
N MET B 425 -16.31 -0.06 -12.22
CA MET B 425 -15.67 -1.35 -12.48
C MET B 425 -16.32 -2.47 -11.68
N SER B 426 -16.51 -3.61 -12.32
CA SER B 426 -17.11 -4.77 -11.67
C SER B 426 -16.53 -6.06 -12.21
N HIS B 427 -16.40 -7.05 -11.32
CA HIS B 427 -15.98 -8.38 -11.73
C HIS B 427 -17.25 -9.16 -12.07
N SER B 428 -17.42 -9.46 -13.35
CA SER B 428 -18.65 -10.07 -13.85
C SER B 428 -18.54 -11.57 -14.04
N PRO B 429 -19.33 -12.34 -13.28
CA PRO B 429 -19.36 -13.80 -13.38
C PRO B 429 -19.71 -14.26 -14.80
N SER B 430 -20.68 -13.60 -15.42
CA SER B 430 -21.07 -13.95 -16.79
C SER B 430 -19.88 -13.83 -17.74
N THR B 431 -19.02 -12.85 -17.49
CA THR B 431 -17.83 -12.66 -18.31
C THR B 431 -16.78 -13.74 -18.04
N VAL B 432 -16.62 -14.08 -16.75
CA VAL B 432 -15.72 -15.17 -16.38
C VAL B 432 -16.18 -16.48 -17.00
N SER B 433 -17.49 -16.71 -16.95
CA SER B 433 -18.09 -17.89 -17.58
C SER B 433 -17.82 -17.92 -19.07
N SER B 434 -17.99 -16.76 -19.71
CA SER B 434 -17.70 -16.61 -21.13
C SER B 434 -16.24 -16.93 -21.41
N ASN B 435 -15.36 -16.55 -20.50
CA ASN B 435 -13.93 -16.81 -20.64
C ASN B 435 -13.61 -18.30 -20.53
N ARG B 436 -14.31 -18.99 -19.63
CA ARG B 436 -14.15 -20.43 -19.48
C ARG B 436 -14.50 -21.14 -20.77
N LEU B 437 -15.56 -20.68 -21.43
CA LEU B 437 -16.06 -21.31 -22.64
C LEU B 437 -15.09 -21.21 -23.82
N LYS B 438 -14.29 -20.15 -23.86
CA LYS B 438 -13.41 -19.90 -24.99
C LYS B 438 -11.95 -20.32 -24.72
N PHE B 439 -11.69 -20.75 -23.50
CA PHE B 439 -10.34 -21.13 -23.10
C PHE B 439 -9.85 -22.41 -23.77
N ASP B 440 -8.68 -22.34 -24.39
CA ASP B 440 -8.07 -23.50 -25.02
C ASP B 440 -6.95 -24.05 -24.16
N ALA B 441 -7.18 -25.21 -23.54
CA ALA B 441 -6.18 -25.79 -22.64
C ALA B 441 -5.04 -26.49 -23.38
N SER B 442 -5.26 -26.78 -24.66
CA SER B 442 -4.25 -27.45 -25.47
C SER B 442 -3.09 -26.51 -25.81
N LYS B 443 -3.35 -25.21 -25.77
CA LYS B 443 -2.32 -24.21 -26.06
C LYS B 443 -1.72 -23.65 -24.78
N GLY B 444 -0.42 -23.42 -24.78
CA GLY B 444 0.24 -22.86 -23.61
C GLY B 444 1.74 -23.08 -23.57
N LEU B 445 2.43 -22.31 -22.73
CA LEU B 445 3.87 -22.43 -22.56
C LEU B 445 4.18 -23.61 -21.64
N PRO B 446 5.40 -24.16 -21.77
CA PRO B 446 5.82 -25.34 -20.99
C PRO B 446 5.64 -25.14 -19.48
N ALA B 447 5.12 -26.17 -18.81
CA ALA B 447 4.94 -26.12 -17.35
C ALA B 447 6.24 -25.76 -16.63
N VAL B 448 6.11 -25.11 -15.48
CA VAL B 448 7.28 -24.81 -14.67
C VAL B 448 7.75 -26.05 -13.93
N LYS B 449 9.05 -26.14 -13.69
CA LYS B 449 9.62 -27.27 -12.94
C LYS B 449 9.69 -26.91 -11.46
N PRO B 450 8.90 -27.62 -10.62
CA PRO B 450 8.83 -27.23 -9.21
C PRO B 450 10.14 -27.50 -8.47
N VAL B 451 10.37 -26.75 -7.39
CA VAL B 451 11.56 -26.95 -6.57
C VAL B 451 11.48 -28.29 -5.86
N ALA B 452 10.34 -28.58 -5.25
CA ALA B 452 10.09 -29.88 -4.63
C ALA B 452 9.35 -30.77 -5.61
N PRO B 453 9.65 -32.09 -5.57
CA PRO B 453 9.05 -33.05 -6.49
C PRO B 453 7.53 -32.94 -6.54
N GLY B 454 6.88 -32.93 -5.39
CA GLY B 454 5.42 -32.85 -5.33
C GLY B 454 4.89 -31.44 -5.24
N GLY B 455 5.70 -30.46 -5.63
CA GLY B 455 5.32 -29.07 -5.51
C GLY B 455 4.34 -28.59 -6.56
N GLY B 456 4.33 -29.29 -7.69
CA GLY B 456 3.44 -28.93 -8.79
C GLY B 456 2.03 -29.46 -8.59
N TRP B 457 1.19 -29.24 -9.59
CA TRP B 457 -0.19 -29.72 -9.55
C TRP B 457 -0.23 -31.24 -9.66
N LYS B 458 -1.19 -31.85 -8.97
CA LYS B 458 -1.33 -33.30 -8.95
C LYS B 458 -1.18 -33.92 -10.33
N ASN B 459 -1.88 -33.36 -11.31
CA ASN B 459 -1.82 -33.85 -12.68
C ASN B 459 -2.23 -32.80 -13.71
N GLU B 460 -2.13 -33.17 -14.99
CA GLU B 460 -2.40 -32.26 -16.09
C GLU B 460 -3.81 -31.67 -16.03
N ASP B 461 -4.78 -32.47 -15.61
CA ASP B 461 -6.15 -31.99 -15.49
C ASP B 461 -6.26 -30.87 -14.47
N GLU B 462 -5.72 -31.10 -13.28
CA GLU B 462 -5.76 -30.10 -12.23
C GLU B 462 -5.04 -28.84 -12.65
N ARG B 463 -3.93 -29.01 -13.36
CA ARG B 463 -3.15 -27.87 -13.82
C ARG B 463 -3.90 -27.04 -14.86
N GLN B 464 -4.51 -27.72 -15.82
CA GLN B 464 -5.28 -27.05 -16.87
C GLN B 464 -6.52 -26.35 -16.31
N ASN B 465 -7.21 -27.00 -15.38
CA ASN B 465 -8.36 -26.36 -14.74
C ASN B 465 -7.91 -25.15 -13.93
N ALA B 466 -6.68 -25.22 -13.42
CA ALA B 466 -6.11 -24.10 -12.67
C ALA B 466 -5.74 -22.97 -13.60
N ARG B 467 -5.14 -23.32 -14.73
CA ARG B 467 -4.79 -22.33 -15.75
C ARG B 467 -6.04 -21.60 -16.23
N ARG B 468 -7.12 -22.34 -16.43
CA ARG B 468 -8.36 -21.77 -16.93
C ARG B 468 -8.95 -20.78 -15.92
N GLU B 469 -9.01 -21.21 -14.66
CA GLU B 469 -9.61 -20.39 -13.61
C GLU B 469 -8.85 -19.09 -13.40
N ILE B 470 -7.54 -19.19 -13.31
CA ILE B 470 -6.69 -18.03 -13.09
C ILE B 470 -6.81 -17.06 -14.27
N TRP B 471 -6.60 -17.57 -15.47
CA TRP B 471 -6.74 -16.78 -16.68
C TRP B 471 -8.13 -16.15 -16.79
N ALA B 472 -9.17 -16.97 -16.70
CA ALA B 472 -10.53 -16.50 -16.87
C ALA B 472 -10.87 -15.36 -15.93
N ASN B 473 -10.67 -15.57 -14.64
CA ASN B 473 -10.97 -14.56 -13.64
C ASN B 473 -10.15 -13.29 -13.78
N ALA B 474 -8.90 -13.43 -14.21
CA ALA B 474 -8.03 -12.28 -14.41
C ALA B 474 -8.59 -11.35 -15.49
N LEU B 475 -9.41 -11.90 -16.37
CA LEU B 475 -10.04 -11.12 -17.44
C LEU B 475 -11.52 -10.93 -17.16
N GLY B 476 -11.89 -10.98 -15.88
CA GLY B 476 -13.28 -10.89 -15.48
C GLY B 476 -13.74 -9.50 -15.07
N TRP B 477 -12.87 -8.51 -15.19
CA TRP B 477 -13.24 -7.14 -14.87
C TRP B 477 -13.83 -6.42 -16.07
N ILE B 478 -15.00 -5.80 -15.86
CA ILE B 478 -15.65 -5.05 -16.94
C ILE B 478 -16.04 -3.66 -16.47
N GLU B 479 -16.14 -2.75 -17.43
CA GLU B 479 -16.67 -1.42 -17.17
C GLU B 479 -18.18 -1.48 -17.39
N GLU B 480 -18.94 -1.19 -16.34
CA GLU B 480 -20.40 -1.20 -16.45
C GLU B 480 -20.89 -0.11 -17.38
N GLU B 481 -21.58 -0.50 -18.44
CA GLU B 481 -22.12 0.46 -19.39
C GLU B 481 -23.21 1.28 -18.73
N GLY B 482 -23.12 2.60 -18.87
CA GLY B 482 -24.05 3.51 -18.24
C GLY B 482 -23.60 3.88 -16.83
N GLY B 483 -22.54 3.24 -16.36
CA GLY B 483 -22.02 3.50 -15.03
C GLY B 483 -20.99 4.61 -15.02
N GLU B 484 -20.65 5.12 -16.20
CA GLU B 484 -19.65 6.16 -16.34
C GLU B 484 -20.11 7.48 -15.71
N ILE B 485 -19.20 8.14 -15.00
CA ILE B 485 -19.46 9.46 -14.44
C ILE B 485 -18.22 10.32 -14.65
N ILE B 486 -18.35 11.35 -15.49
CA ILE B 486 -17.21 12.20 -15.82
C ILE B 486 -17.41 13.64 -15.39
N VAL B 487 -16.99 13.95 -14.16
CA VAL B 487 -17.15 15.30 -13.62
C VAL B 487 -16.43 16.33 -14.48
N GLY B 488 -17.14 17.41 -14.80
CA GLY B 488 -16.55 18.53 -15.51
C GLY B 488 -16.60 18.45 -17.02
N GLY B 489 -17.17 17.38 -17.55
CA GLY B 489 -17.29 17.21 -18.98
C GLY B 489 -16.40 16.11 -19.56
N LYS B 490 -16.77 15.62 -20.72
CA LYS B 490 -16.11 14.47 -21.34
C LYS B 490 -14.63 14.68 -21.67
N ASP B 491 -14.23 15.95 -21.76
CA ASP B 491 -12.82 16.28 -22.02
C ASP B 491 -11.93 15.94 -20.82
N ASN B 492 -12.56 15.63 -19.69
CA ASN B 492 -11.83 15.20 -18.50
C ASN B 492 -11.64 13.68 -18.48
N ARG B 493 -12.44 12.98 -19.26
CA ARG B 493 -12.37 11.52 -19.31
C ARG B 493 -10.95 11.00 -19.57
N ILE B 494 -10.54 10.02 -18.78
CA ILE B 494 -9.33 9.26 -19.08
C ILE B 494 -9.73 7.81 -19.31
N ASN B 495 -8.77 6.99 -19.68
CA ASN B 495 -9.04 5.59 -20.00
C ASN B 495 -9.33 4.74 -18.77
N THR B 496 -9.85 3.54 -19.01
CA THR B 496 -10.25 2.65 -17.93
C THR B 496 -9.09 1.77 -17.47
N THR B 497 -8.73 1.86 -16.21
CA THR B 497 -7.73 0.97 -15.64
C THR B 497 -8.39 -0.22 -14.99
N THR B 498 -7.67 -1.33 -14.93
CA THR B 498 -8.20 -2.55 -14.33
C THR B 498 -7.86 -2.61 -12.86
N PRO B 499 -8.86 -2.90 -12.01
CA PRO B 499 -8.55 -3.11 -10.59
C PRO B 499 -7.60 -4.29 -10.43
N VAL B 500 -6.90 -4.33 -9.31
CA VAL B 500 -5.96 -5.43 -9.00
C VAL B 500 -4.63 -5.30 -9.74
N PHE B 501 -4.68 -5.19 -11.06
CA PHE B 501 -3.46 -5.11 -11.86
C PHE B 501 -3.00 -3.67 -12.07
N ASN B 502 -3.96 -2.79 -12.35
CA ASN B 502 -3.69 -1.37 -12.61
C ASN B 502 -2.96 -1.11 -13.93
N ILE B 503 -3.34 -1.84 -14.96
CA ILE B 503 -3.01 -1.47 -16.33
C ILE B 503 -4.30 -1.52 -17.15
N LEU B 504 -4.31 -0.80 -18.27
CA LEU B 504 -5.50 -0.75 -19.12
C LEU B 504 -5.91 -2.15 -19.58
N GLY B 505 -7.21 -2.40 -19.61
CA GLY B 505 -7.73 -3.68 -20.07
C GLY B 505 -7.21 -4.05 -21.44
N LEU B 506 -7.00 -3.05 -22.29
CA LEU B 506 -6.52 -3.31 -23.65
C LEU B 506 -5.05 -3.69 -23.66
N ARG B 507 -4.39 -3.55 -22.51
CA ARG B 507 -3.03 -4.03 -22.33
C ARG B 507 -3.08 -5.41 -21.69
N LEU B 508 -3.90 -5.52 -20.65
CA LEU B 508 -4.01 -6.74 -19.86
C LEU B 508 -4.39 -7.93 -20.72
N LYS B 509 -5.28 -7.72 -21.67
CA LYS B 509 -5.83 -8.81 -22.48
C LYS B 509 -4.81 -9.43 -23.44
N PRO B 510 -4.25 -8.61 -24.34
CA PRO B 510 -3.26 -9.15 -25.29
C PRO B 510 -2.07 -9.74 -24.57
N PHE B 511 -1.70 -9.12 -23.46
CA PHE B 511 -0.53 -9.54 -22.69
C PHE B 511 -0.71 -10.93 -22.08
N ILE B 512 -1.70 -11.09 -21.22
CA ILE B 512 -1.93 -12.37 -20.54
C ILE B 512 -2.30 -13.46 -21.54
N ASN B 513 -2.94 -13.06 -22.64
CA ASN B 513 -3.27 -14.00 -23.71
C ASN B 513 -2.03 -14.56 -24.37
N TYR B 514 -1.01 -13.72 -24.51
CA TYR B 514 0.25 -14.15 -25.08
C TYR B 514 0.89 -15.28 -24.26
N PHE B 515 0.91 -15.12 -22.94
CA PHE B 515 1.58 -16.09 -22.08
C PHE B 515 0.78 -17.36 -21.84
N TYR B 516 -0.54 -17.26 -22.00
CA TYR B 516 -1.39 -18.44 -21.95
C TYR B 516 -1.71 -18.95 -23.35
N CYS B 517 -1.03 -18.37 -24.35
CA CYS B 517 -1.19 -18.77 -25.74
C CYS B 517 -2.67 -18.82 -26.17
N GLN B 518 -3.44 -17.84 -25.72
CA GLN B 518 -4.85 -17.76 -26.07
C GLN B 518 -5.10 -16.66 -27.10
N GLU B 519 -4.03 -16.14 -27.68
CA GLU B 519 -4.12 -15.04 -28.63
C GLU B 519 -5.21 -15.24 -29.69
N PRO C 3 6.54 24.89 -1.58
CA PRO C 3 6.12 23.55 -2.03
C PRO C 3 7.19 22.49 -1.76
N THR C 4 7.05 21.77 -0.65
CA THR C 4 8.00 20.72 -0.29
C THR C 4 7.66 19.39 -0.97
N ALA C 5 8.65 18.51 -1.06
CA ALA C 5 8.46 17.21 -1.66
C ALA C 5 7.59 16.33 -0.76
N SER C 6 6.85 15.40 -1.37
CA SER C 6 5.99 14.50 -0.62
C SER C 6 6.79 13.32 -0.06
N ALA C 7 6.46 12.91 1.15
CA ALA C 7 7.16 11.81 1.81
C ALA C 7 6.48 10.48 1.56
N CYS C 8 6.43 10.06 0.29
CA CYS C 8 5.79 8.81 -0.09
C CYS C 8 6.76 7.83 -0.73
N ASN C 9 7.41 7.02 0.10
CA ASN C 9 8.21 5.91 -0.36
C ASN C 9 7.35 4.65 -0.46
N ILE C 10 7.50 3.90 -1.55
CA ILE C 10 6.80 2.63 -1.67
C ILE C 10 7.79 1.49 -1.85
N GLN C 11 9.06 1.83 -2.04
CA GLN C 11 10.13 0.84 -2.14
C GLN C 11 11.37 1.28 -1.38
ZN ZN D . 1.07 10.37 -1.39
C1 FAR E . 2.62 8.79 1.15
C2 FAR E . 2.29 7.50 0.48
C3 FAR E . 2.74 6.31 0.99
C5 FAR E . 2.64 5.07 0.15
C6 FAR E . 2.05 3.97 0.95
C7 FAR E . 1.55 2.89 0.03
C8 FAR E . 2.22 1.71 -0.09
C9 FAR E . 1.77 0.72 -1.11
C11 FAR E . 2.92 0.21 -1.91
C12 FAR E . 2.40 -0.76 -2.92
C13 FAR E . 3.25 -1.43 -3.74
C14 FAR E . 4.69 -1.02 -3.81
C15 FAR E . 2.70 -2.39 -4.75
C4 FAR E . 3.63 6.31 2.19
C10 FAR E . 3.47 1.48 0.68
S SO4 F . 0.68 8.87 5.20
O1 SO4 F . -0.22 9.97 4.84
O2 SO4 F . 1.22 8.28 3.98
O3 SO4 F . 1.78 9.40 6.00
O4 SO4 F . -0.05 7.86 5.96
OAA 3CX G . -20.83 17.73 -23.25
OAB 3CX G . -18.77 16.59 -23.93
OAC 3CX G . -16.37 18.30 -22.96
OAD 3CX G . -19.20 17.09 -21.59
CAE 3CX G . -12.77 24.14 -23.54
CAF 3CX G . -14.06 23.90 -24.25
CAG 3CX G . -12.51 23.47 -22.24
CAH 3CX G . -14.89 22.73 -23.83
CAI 3CX G . -13.37 22.32 -21.84
CAJ 3CX G . -16.51 20.63 -22.65
CAK 3CX G . -18.56 19.16 -23.18
NAL 3CX G . -15.08 20.75 -22.47
CAM 3CX G . -17.07 19.29 -23.05
CAN 3CX G . -14.71 22.19 -22.45
SAO 3CX G . -19.35 17.58 -22.97
OAA 3CX H . -2.74 20.93 -20.78
OAB 3CX H . -3.99 22.90 -20.06
OAC 3CX H . -2.23 24.50 -21.40
OAD 3CX H . -5.03 21.22 -21.47
CAE 3CX H . -3.04 28.93 -27.17
CAF 3CX H . -2.21 29.17 -25.95
CAG 3CX H . -3.58 27.58 -27.42
CAH 3CX H . -1.81 28.00 -25.11
CAI 3CX H . -3.59 26.60 -26.31
CAJ 3CX H . -2.15 24.93 -23.70
CAK 3CX H . -3.26 22.82 -22.66
NAL 3CX H . -2.95 26.12 -24.03
CAM 3CX H . -2.52 24.11 -22.49
CAN 3CX H . -2.47 26.68 -25.33
SAO 3CX H . -3.78 21.93 -21.20
OAA 3CX I . 23.82 -14.49 -12.20
OAB 3CX I . 21.88 -13.03 -11.82
OAC 3CX I . 24.98 -12.32 -10.90
OAD 3CX I . 22.41 -13.78 -14.06
CAE 3CX I . 25.85 -5.92 -8.33
CAF 3CX I . 27.07 -6.65 -8.80
CAG 3CX I . 24.73 -6.83 -7.97
CAH 3CX I . 26.85 -7.83 -9.68
CAI 3CX I . 24.36 -7.81 -9.04
CAJ 3CX I . 25.08 -10.07 -11.54
CAK 3CX I . 24.03 -11.94 -12.99
NAL 3CX I . 25.40 -9.71 -10.16
CAM 3CX I . 24.83 -11.53 -11.79
CAN 3CX I . 25.44 -8.24 -10.00
SAO 3CX I . 22.99 -13.37 -12.76
#